data_7QTB
#
_entry.id   7QTB
#
_cell.length_a   43.075
_cell.length_b   48.459
_cell.length_c   65.547
_cell.angle_alpha   107.470
_cell.angle_beta   90.076
_cell.angle_gamma   105.702
#
_symmetry.space_group_name_H-M   'P 1'
#
loop_
_entity.id
_entity.type
_entity.pdbx_description
1 polymer 'Nuclease S1'
2 non-polymer 'ZINC ION'
3 non-polymer 2-acetamido-2-deoxy-beta-D-glucopyranose
4 non-polymer 'PHOSPHATE ION'
5 non-polymer "CYTIDINE-5'-MONOPHOSPHATE"
6 non-polymer 2-[BIS-(2-HYDROXY-ETHYL)-AMINO]-2-HYDROXYMETHYL-PROPANE-1,3-DIOL
7 non-polymer 'CALCIUM ION'
8 water water
#
_entity_poly.entity_id   1
_entity_poly.type   'polypeptide(L)'
_entity_poly.pdbx_seq_one_letter_code
;WGNLGHETVAYIAQSFVASSTESFCQNILGDDSTSYLANVATWADTYKYTDAGEFSKPYHFIDAQDNPPQSCGVDYDRDC
GSAGCSISAIQNYTNILLESPNGSEALNALKFVVHIIGDIHQPLHDENLEAGGNGIDVTYDGETTNLHHIWDTNMPEEAA
GGYSLSVAKTYADLLTERIKTGTYSSKKDSWTDGIDIKDPVSTSMIWAADANTYVCSTVLDDGLAYINSTDLSGEYYDKS
QPVFEELIAKAGYRLAAWLDLIASQPS
;
_entity_poly.pdbx_strand_id   A,B
#
loop_
_chem_comp.id
_chem_comp.type
_chem_comp.name
_chem_comp.formula
BTB non-polymer 2-[BIS-(2-HYDROXY-ETHYL)-AMINO]-2-HYDROXYMETHYL-PROPANE-1,3-DIOL 'C8 H19 N O5'
C5P non-polymer CYTIDINE-5'-MONOPHOSPHATE 'C9 H14 N3 O8 P'
CA non-polymer 'CALCIUM ION' 'Ca 2'
NAG D-saccharide, beta linking 2-acetamido-2-deoxy-beta-D-glucopyranose 'C8 H15 N O6'
PO4 non-polymer 'PHOSPHATE ION' 'O4 P -3'
ZN non-polymer 'ZINC ION' 'Zn 2'
#
# COMPACT_ATOMS: atom_id res chain seq x y z
N TRP A 1 16.45 -9.41 9.68
CA TRP A 1 17.70 -9.99 9.16
C TRP A 1 18.71 -10.14 10.27
N GLY A 2 19.71 -10.96 10.04
CA GLY A 2 20.91 -10.91 10.87
C GLY A 2 21.82 -9.76 10.50
N ASN A 3 23.01 -9.76 11.08
CA ASN A 3 23.89 -8.59 10.98
C ASN A 3 24.27 -8.30 9.53
N LEU A 4 24.58 -9.31 8.74
CA LEU A 4 24.99 -9.10 7.34
C LEU A 4 23.87 -8.38 6.60
N GLY A 5 22.63 -8.84 6.74
CA GLY A 5 21.55 -8.15 6.00
C GLY A 5 21.39 -6.71 6.43
N HIS A 6 21.44 -6.45 7.75
CA HIS A 6 21.29 -5.05 8.19
C HIS A 6 22.42 -4.15 7.71
N GLU A 7 23.64 -4.63 7.75
CA GLU A 7 24.80 -3.85 7.29
C GLU A 7 24.70 -3.61 5.79
N THR A 8 24.24 -4.60 5.04
CA THR A 8 24.06 -4.45 3.59
C THR A 8 23.04 -3.35 3.31
N VAL A 9 21.88 -3.42 3.95
CA VAL A 9 20.83 -2.39 3.81
C VAL A 9 21.45 -1.01 4.06
N ALA A 10 22.21 -0.88 5.14
CA ALA A 10 22.77 0.40 5.55
C ALA A 10 23.78 0.92 4.51
N TYR A 11 24.68 0.06 4.03
CA TYR A 11 25.63 0.48 3.00
C TYR A 11 24.91 0.92 1.73
N ILE A 12 23.88 0.21 1.32
CA ILE A 12 23.09 0.64 0.14
C ILE A 12 22.54 2.04 0.41
N ALA A 13 21.93 2.24 1.58
CA ALA A 13 21.36 3.57 1.85
C ALA A 13 22.43 4.67 1.75
N GLN A 14 23.62 4.40 2.28
CA GLN A 14 24.70 5.40 2.21
C GLN A 14 24.98 5.81 0.75
N SER A 15 24.84 4.87 -0.17
CA SER A 15 25.10 5.13 -1.61
C SER A 15 24.02 5.98 -2.28
N PHE A 16 22.86 6.17 -1.66
CA PHE A 16 21.76 6.89 -2.30
C PHE A 16 21.41 8.19 -1.58
N VAL A 17 21.77 8.37 -0.31
CA VAL A 17 21.41 9.63 0.38
C VAL A 17 22.08 10.82 -0.23
N ALA A 18 21.41 11.97 -0.09
CA ALA A 18 22.01 13.27 -0.43
C ALA A 18 23.17 13.58 0.51
N SER A 19 24.09 14.45 0.07
CA SER A 19 25.21 14.88 0.93
C SER A 19 24.72 15.53 2.21
N SER A 20 23.67 16.34 2.14
CA SER A 20 23.18 17.02 3.37
C SER A 20 22.66 15.98 4.36
N THR A 21 22.06 14.90 3.85
CA THR A 21 21.53 13.80 4.68
C THR A 21 22.68 13.04 5.32
N GLU A 22 23.70 12.76 4.54
CA GLU A 22 24.93 12.11 5.05
CA GLU A 22 24.91 12.09 5.07
C GLU A 22 25.46 12.94 6.23
N SER A 23 25.61 14.24 6.04
CA SER A 23 26.13 15.09 7.13
CA SER A 23 26.13 15.12 7.12
CA SER A 23 26.15 15.11 7.13
C SER A 23 25.23 15.05 8.35
N PHE A 24 23.94 15.16 8.15
CA PHE A 24 22.93 15.15 9.23
C PHE A 24 23.13 13.87 10.05
N CYS A 25 23.22 12.73 9.38
CA CYS A 25 23.36 11.43 10.07
C CYS A 25 24.72 11.30 10.76
N GLN A 26 25.79 11.69 10.06
CA GLN A 26 27.15 11.56 10.62
C GLN A 26 27.23 12.40 11.92
N ASN A 27 26.58 13.56 11.93
CA ASN A 27 26.63 14.45 13.11
C ASN A 27 25.89 13.79 14.28
N ILE A 28 24.73 13.19 14.04
CA ILE A 28 23.95 12.53 15.11
C ILE A 28 24.77 11.35 15.64
N LEU A 29 25.39 10.59 14.74
CA LEU A 29 26.06 9.32 15.12
C LEU A 29 27.47 9.54 15.68
N GLY A 30 28.05 10.72 15.51
CA GLY A 30 29.45 10.94 15.89
C GLY A 30 30.40 10.08 15.08
N ASP A 31 30.08 9.85 13.81
CA ASP A 31 30.87 8.94 12.93
C ASP A 31 30.84 9.52 11.53
N ASP A 32 31.99 9.96 11.01
CA ASP A 32 32.00 10.46 9.60
C ASP A 32 32.82 9.50 8.73
N SER A 33 32.92 8.24 9.13
CA SER A 33 33.56 7.21 8.30
C SER A 33 32.66 6.88 7.11
N THR A 34 33.19 6.11 6.19
CA THR A 34 32.43 5.59 5.04
C THR A 34 31.63 4.35 5.47
N SER A 35 31.54 4.06 6.76
CA SER A 35 30.65 2.99 7.29
C SER A 35 29.67 3.56 8.30
N TYR A 36 29.39 4.85 8.29
CA TYR A 36 28.61 5.49 9.40
C TYR A 36 27.24 4.80 9.63
N LEU A 37 26.45 4.50 8.61
CA LEU A 37 25.16 3.82 8.86
C LEU A 37 25.41 2.33 9.15
N ALA A 38 26.30 1.69 8.41
CA ALA A 38 26.53 0.24 8.59
C ALA A 38 27.03 -0.06 9.99
N ASN A 39 27.81 0.87 10.56
CA ASN A 39 28.41 0.65 11.90
C ASN A 39 27.37 0.63 13.02
N VAL A 40 26.15 1.14 12.78
CA VAL A 40 25.08 1.15 13.82
C VAL A 40 23.91 0.25 13.45
N ALA A 41 23.96 -0.39 12.30
CA ALA A 41 22.77 -1.08 11.75
C ALA A 41 22.35 -2.30 12.55
N THR A 42 23.23 -2.82 13.40
CA THR A 42 22.97 -4.02 14.21
C THR A 42 22.66 -3.66 15.67
N TRP A 43 22.81 -2.39 16.06
CA TRP A 43 22.66 -1.99 17.47
C TRP A 43 21.33 -2.48 18.05
N ALA A 44 20.22 -2.32 17.32
CA ALA A 44 18.90 -2.65 17.91
C ALA A 44 18.90 -4.12 18.30
N ASP A 45 19.60 -4.99 17.56
CA ASP A 45 19.60 -6.42 17.88
C ASP A 45 20.44 -6.76 19.11
N THR A 46 21.42 -5.96 19.49
CA THR A 46 22.10 -6.19 20.79
CA THR A 46 22.12 -6.14 20.79
C THR A 46 21.26 -5.55 21.90
N TYR A 47 20.72 -4.38 21.66
CA TYR A 47 19.97 -3.64 22.71
CA TYR A 47 20.00 -3.63 22.72
C TYR A 47 18.82 -4.47 23.24
N LYS A 48 18.13 -5.17 22.37
CA LYS A 48 16.91 -5.88 22.75
C LYS A 48 17.16 -7.03 23.74
N TYR A 49 18.39 -7.50 23.95
N TYR A 49 18.39 -7.49 23.81
CA TYR A 49 18.71 -8.61 24.89
CA TYR A 49 18.84 -8.49 24.78
C TYR A 49 19.07 -8.11 26.29
C TYR A 49 19.72 -7.77 25.81
N THR A 50 19.08 -6.80 26.46
N THR A 50 19.24 -6.62 26.30
CA THR A 50 19.38 -6.17 27.76
CA THR A 50 19.76 -5.87 27.47
C THR A 50 18.08 -5.86 28.47
C THR A 50 18.58 -5.33 28.29
N ASP A 51 18.15 -5.71 29.79
N ASP A 51 18.78 -5.05 29.57
CA ASP A 51 16.94 -5.34 30.54
CA ASP A 51 17.68 -4.58 30.45
C ASP A 51 16.38 -4.03 29.99
C ASP A 51 17.07 -3.29 29.89
N ALA A 52 17.24 -3.05 29.73
N ALA A 52 17.92 -2.34 29.51
CA ALA A 52 16.78 -1.70 29.33
CA ALA A 52 17.49 -1.00 29.05
C ALA A 52 16.13 -1.76 27.94
C ALA A 52 16.71 -1.15 27.75
N GLY A 53 16.53 -2.70 27.10
N GLY A 53 16.99 -2.19 26.96
CA GLY A 53 16.06 -2.75 25.70
CA GLY A 53 16.42 -2.31 25.61
C GLY A 53 14.97 -3.77 25.48
C GLY A 53 15.31 -3.35 25.46
N GLU A 54 14.60 -4.56 26.48
N GLU A 54 14.94 -4.11 26.51
CA GLU A 54 13.59 -5.62 26.28
CA GLU A 54 14.02 -5.29 26.45
C GLU A 54 12.31 -4.98 25.70
C GLU A 54 12.69 -4.95 25.74
N PHE A 55 11.99 -3.73 26.09
N PHE A 55 12.06 -3.84 26.10
CA PHE A 55 10.77 -3.01 25.63
CA PHE A 55 10.72 -3.46 25.59
C PHE A 55 10.74 -2.96 24.09
C PHE A 55 10.72 -3.29 24.06
N SER A 56 11.90 -3.07 23.45
CA SER A 56 12.01 -2.82 22.00
C SER A 56 11.97 -4.10 21.18
N LYS A 57 11.97 -5.26 21.81
CA LYS A 57 11.88 -6.53 21.05
C LYS A 57 10.74 -6.53 20.02
N PRO A 58 9.50 -6.12 20.37
CA PRO A 58 8.42 -6.22 19.39
C PRO A 58 8.57 -5.25 18.22
N TYR A 59 9.47 -4.30 18.33
CA TYR A 59 9.65 -3.25 17.29
C TYR A 59 10.33 -3.80 16.04
N HIS A 60 10.75 -5.06 16.06
CA HIS A 60 11.44 -5.63 14.90
C HIS A 60 10.45 -6.22 13.90
N PHE A 61 9.18 -6.31 14.21
N PHE A 61 9.19 -6.37 14.32
CA PHE A 61 8.28 -7.04 13.29
CA PHE A 61 8.15 -7.22 13.66
C PHE A 61 6.86 -6.48 13.45
C PHE A 61 6.82 -6.47 13.50
N ILE A 62 6.01 -6.88 12.51
CA ILE A 62 4.55 -6.69 12.63
C ILE A 62 3.95 -8.04 12.27
N ASP A 63 3.29 -8.64 13.27
CA ASP A 63 2.82 -10.02 13.17
CA ASP A 63 2.86 -10.05 13.10
C ASP A 63 1.51 -10.08 12.36
N ALA A 64 1.60 -10.04 11.04
CA ALA A 64 0.41 -10.02 10.16
C ALA A 64 -0.41 -11.28 10.39
N GLN A 65 -1.68 -11.09 10.70
CA GLN A 65 -2.61 -12.22 10.96
C GLN A 65 -3.34 -12.56 9.68
N ASP A 66 -2.59 -12.99 8.69
CA ASP A 66 -3.11 -13.41 7.39
C ASP A 66 -3.17 -14.95 7.34
N ASN A 67 -3.24 -15.51 6.16
CA ASN A 67 -3.47 -16.97 6.03
C ASN A 67 -2.60 -17.50 4.89
N PRO A 68 -1.27 -17.41 5.02
CA PRO A 68 -0.42 -17.79 3.89
C PRO A 68 -0.26 -19.29 3.74
N PRO A 69 0.03 -19.78 2.54
CA PRO A 69 0.20 -18.99 1.33
C PRO A 69 -1.05 -18.61 0.57
N GLN A 70 -2.22 -19.02 1.05
CA GLN A 70 -3.53 -18.79 0.41
CA GLN A 70 -3.39 -18.76 0.18
C GLN A 70 -3.82 -17.29 0.26
N SER A 71 -3.56 -16.54 1.34
N SER A 71 -3.60 -16.56 1.35
CA SER A 71 -3.96 -15.13 1.50
CA SER A 71 -3.87 -15.10 1.32
C SER A 71 -2.90 -14.42 2.33
C SER A 71 -2.93 -14.41 2.29
N CYS A 72 -2.44 -13.27 1.84
CA CYS A 72 -1.50 -12.43 2.58
C CYS A 72 -2.06 -11.03 2.72
N GLY A 73 -1.76 -10.43 3.83
CA GLY A 73 -2.14 -9.03 4.07
C GLY A 73 -1.69 -8.58 5.44
N VAL A 74 -1.47 -7.27 5.55
CA VAL A 74 -1.04 -6.62 6.82
C VAL A 74 -2.06 -5.52 7.11
N ASP A 75 -2.43 -5.41 8.36
CA ASP A 75 -3.41 -4.42 8.85
CA ASP A 75 -3.36 -4.35 8.80
C ASP A 75 -2.85 -3.80 10.12
N TYR A 76 -2.53 -2.51 10.13
CA TYR A 76 -1.82 -1.89 11.28
C TYR A 76 -2.63 -2.08 12.56
N ASP A 77 -3.88 -1.69 12.57
CA ASP A 77 -4.63 -1.75 13.83
C ASP A 77 -4.84 -3.20 14.26
N ARG A 78 -5.03 -4.11 13.34
CA ARG A 78 -5.22 -5.55 13.66
C ARG A 78 -3.91 -6.17 14.19
N ASP A 79 -2.78 -5.80 13.57
CA ASP A 79 -1.54 -6.60 13.69
C ASP A 79 -0.47 -5.96 14.55
N CYS A 80 -0.50 -4.66 14.80
CA CYS A 80 0.61 -4.07 15.55
C CYS A 80 0.64 -4.63 16.98
N GLY A 81 -0.46 -4.51 17.69
CA GLY A 81 -0.61 -4.98 19.06
C GLY A 81 -0.24 -3.93 20.09
N SER A 82 -0.57 -4.21 21.34
CA SER A 82 -0.45 -3.20 22.42
CA SER A 82 -0.46 -3.21 22.44
C SER A 82 1.01 -2.89 22.75
N ALA A 83 1.93 -3.81 22.47
CA ALA A 83 3.35 -3.64 22.83
C ALA A 83 4.12 -2.89 21.74
N GLY A 84 3.44 -2.50 20.66
CA GLY A 84 4.10 -1.83 19.54
C GLY A 84 4.69 -2.81 18.55
N CYS A 85 5.19 -2.27 17.47
CA CYS A 85 5.60 -3.09 16.32
C CYS A 85 6.56 -2.27 15.47
N SER A 86 7.05 -2.85 14.39
CA SER A 86 7.98 -2.14 13.50
C SER A 86 7.36 -0.83 13.02
N ILE A 87 6.08 -0.85 12.66
CA ILE A 87 5.42 0.34 12.09
C ILE A 87 5.28 1.42 13.14
N SER A 88 4.82 1.08 14.34
CA SER A 88 4.67 2.11 15.40
C SER A 88 6.05 2.67 15.76
N ALA A 89 7.08 1.84 15.74
CA ALA A 89 8.44 2.29 16.06
C ALA A 89 8.93 3.24 14.96
N ILE A 90 8.70 2.92 13.70
CA ILE A 90 9.09 3.87 12.64
C ILE A 90 8.41 5.21 12.87
N GLN A 91 7.14 5.22 13.22
CA GLN A 91 6.46 6.50 13.49
C GLN A 91 7.14 7.22 14.65
N ASN A 92 7.32 6.55 15.76
CA ASN A 92 7.88 7.19 16.98
C ASN A 92 9.26 7.76 16.70
N TYR A 93 10.15 6.94 16.16
CA TYR A 93 11.56 7.33 16.00
C TYR A 93 11.72 8.33 14.86
N THR A 94 10.93 8.22 13.80
CA THR A 94 10.95 9.24 12.73
C THR A 94 10.55 10.59 13.34
N ASN A 95 9.48 10.61 14.12
CA ASN A 95 8.99 11.88 14.67
C ASN A 95 10.00 12.48 15.67
N ILE A 96 10.72 11.65 16.42
CA ILE A 96 11.84 12.17 17.26
C ILE A 96 12.86 12.87 16.36
N LEU A 97 13.22 12.27 15.24
CA LEU A 97 14.26 12.88 14.39
C LEU A 97 13.74 14.13 13.70
N LEU A 98 12.43 14.22 13.43
CA LEU A 98 11.85 15.44 12.84
C LEU A 98 11.77 16.56 13.88
N GLU A 99 11.40 16.22 15.10
CA GLU A 99 11.03 17.23 16.13
C GLU A 99 12.23 17.60 17.01
N SER A 100 13.14 16.66 17.26
CA SER A 100 14.23 16.82 18.27
C SER A 100 15.54 16.25 17.72
N PRO A 101 16.00 16.64 16.51
CA PRO A 101 17.19 16.02 15.91
C PRO A 101 18.47 16.29 16.67
N ASN A 102 18.48 17.38 17.45
CA ASN A 102 19.69 17.77 18.23
C ASN A 102 19.59 17.32 19.70
N GLY A 103 18.52 16.61 20.07
CA GLY A 103 18.33 16.14 21.46
C GLY A 103 18.95 14.78 21.72
N SER A 104 18.83 14.29 22.95
CA SER A 104 19.53 13.09 23.45
C SER A 104 18.91 11.82 22.87
N GLU A 105 17.67 11.90 22.36
CA GLU A 105 16.94 10.69 21.89
C GLU A 105 17.24 10.46 20.40
N ALA A 106 17.80 11.44 19.70
CA ALA A 106 18.02 11.32 18.24
C ALA A 106 18.98 10.18 17.92
N LEU A 107 20.00 9.94 18.74
CA LEU A 107 21.00 8.89 18.42
C LEU A 107 20.29 7.54 18.31
N ASN A 108 19.56 7.14 19.34
CA ASN A 108 18.93 5.80 19.29
C ASN A 108 17.82 5.81 18.26
N ALA A 109 17.14 6.94 18.07
CA ALA A 109 16.05 7.00 17.08
C ALA A 109 16.64 6.67 15.69
N LEU A 110 17.76 7.26 15.35
CA LEU A 110 18.39 7.01 14.03
C LEU A 110 18.85 5.55 13.92
N LYS A 111 19.46 5.02 14.96
CA LYS A 111 19.89 3.61 14.90
CA LYS A 111 19.89 3.60 14.95
C LYS A 111 18.65 2.71 14.75
N PHE A 112 17.57 3.00 15.43
CA PHE A 112 16.33 2.24 15.25
C PHE A 112 15.81 2.33 13.81
N VAL A 113 15.76 3.52 13.23
CA VAL A 113 15.22 3.67 11.86
C VAL A 113 16.09 2.85 10.89
N VAL A 114 17.41 2.98 11.00
CA VAL A 114 18.30 2.24 10.08
C VAL A 114 18.02 0.75 10.15
N HIS A 115 17.91 0.22 11.36
CA HIS A 115 17.68 -1.22 11.57
C HIS A 115 16.28 -1.63 11.11
N ILE A 116 15.28 -0.94 11.60
CA ILE A 116 13.88 -1.40 11.45
C ILE A 116 13.43 -1.27 10.00
N ILE A 117 13.84 -0.26 9.26
CA ILE A 117 13.46 -0.26 7.82
CA ILE A 117 13.47 -0.25 7.82
C ILE A 117 14.03 -1.52 7.17
N GLY A 118 15.22 -1.97 7.55
CA GLY A 118 15.69 -3.27 7.08
C GLY A 118 14.74 -4.40 7.46
N ASP A 119 14.39 -4.51 8.73
CA ASP A 119 13.52 -5.62 9.20
C ASP A 119 12.16 -5.63 8.49
N ILE A 120 11.60 -4.49 8.19
CA ILE A 120 10.28 -4.47 7.52
C ILE A 120 10.34 -5.21 6.21
N HIS A 121 11.52 -5.25 5.61
CA HIS A 121 11.69 -5.88 4.29
C HIS A 121 12.02 -7.37 4.36
N GLN A 122 12.17 -7.95 5.55
CA GLN A 122 12.33 -9.41 5.72
C GLN A 122 10.92 -9.96 5.81
N PRO A 123 10.40 -10.68 4.79
CA PRO A 123 8.98 -11.05 4.79
C PRO A 123 8.49 -11.69 6.09
N LEU A 124 9.28 -12.54 6.73
CA LEU A 124 8.88 -13.22 7.96
C LEU A 124 8.92 -12.31 9.19
N HIS A 125 9.40 -11.07 9.05
CA HIS A 125 9.17 -10.00 10.03
C HIS A 125 7.84 -9.28 9.78
N ASP A 126 7.05 -9.78 8.85
CA ASP A 126 5.68 -9.28 8.55
C ASP A 126 4.68 -10.43 8.55
N GLU A 127 4.78 -11.33 9.51
CA GLU A 127 3.98 -12.57 9.47
C GLU A 127 3.81 -13.15 10.86
N ASN A 128 2.57 -13.35 11.28
CA ASN A 128 2.33 -13.95 12.61
C ASN A 128 2.58 -15.45 12.68
N LEU A 129 2.36 -16.20 11.60
CA LEU A 129 2.32 -17.67 11.69
C LEU A 129 3.58 -18.21 12.36
N GLU A 130 3.41 -19.05 13.35
CA GLU A 130 4.53 -19.72 14.03
C GLU A 130 5.60 -18.70 14.46
N ALA A 131 5.17 -17.55 14.96
CA ALA A 131 6.04 -16.46 15.44
C ALA A 131 7.00 -16.09 14.32
N GLY A 132 6.47 -15.60 13.21
CA GLY A 132 7.35 -15.24 12.10
C GLY A 132 8.09 -16.42 11.54
N GLY A 133 7.54 -17.62 11.61
CA GLY A 133 8.24 -18.81 11.11
C GLY A 133 9.31 -19.40 12.03
N ASN A 134 9.51 -18.82 13.20
CA ASN A 134 10.47 -19.41 14.16
C ASN A 134 10.05 -20.82 14.55
N GLY A 135 8.76 -21.07 14.62
CA GLY A 135 8.24 -22.37 15.03
C GLY A 135 8.26 -23.41 13.94
N ILE A 136 8.76 -23.08 12.76
CA ILE A 136 8.84 -24.03 11.63
C ILE A 136 10.26 -24.55 11.51
N ASP A 137 10.51 -25.72 12.04
CA ASP A 137 11.85 -26.34 11.97
C ASP A 137 12.12 -26.79 10.55
N VAL A 138 13.35 -26.57 10.09
CA VAL A 138 13.74 -26.94 8.71
C VAL A 138 15.15 -27.49 8.76
N THR A 139 15.55 -28.11 7.66
CA THR A 139 16.94 -28.50 7.42
C THR A 139 17.52 -27.59 6.35
N TYR A 140 18.72 -27.08 6.60
CA TYR A 140 19.42 -26.20 5.66
C TYR A 140 20.87 -26.66 5.58
N ASP A 141 21.25 -27.16 4.42
CA ASP A 141 22.61 -27.69 4.22
C ASP A 141 22.98 -28.67 5.34
N GLY A 142 22.04 -29.56 5.64
CA GLY A 142 22.26 -30.63 6.63
C GLY A 142 22.11 -30.19 8.08
N GLU A 143 21.93 -28.89 8.35
CA GLU A 143 21.83 -28.33 9.71
C GLU A 143 20.35 -28.18 10.08
N THR A 144 20.02 -28.41 11.33
CA THR A 144 18.67 -28.16 11.85
C THR A 144 18.57 -26.71 12.27
N THR A 145 17.56 -26.02 11.75
CA THR A 145 17.34 -24.58 12.04
C THR A 145 15.85 -24.33 11.90
N ASN A 146 15.47 -23.11 11.61
CA ASN A 146 14.05 -22.79 11.43
C ASN A 146 13.88 -21.82 10.26
N LEU A 147 12.66 -21.72 9.78
CA LEU A 147 12.41 -20.99 8.53
C LEU A 147 12.73 -19.49 8.71
N HIS A 148 12.41 -18.94 9.87
CA HIS A 148 12.79 -17.54 10.14
C HIS A 148 14.30 -17.33 9.99
N HIS A 149 15.04 -18.21 10.62
CA HIS A 149 16.51 -18.10 10.69
CA HIS A 149 16.51 -18.05 10.68
C HIS A 149 17.12 -18.16 9.29
N ILE A 150 16.61 -19.03 8.43
CA ILE A 150 17.27 -19.14 7.11
C ILE A 150 17.01 -17.89 6.27
N TRP A 151 15.86 -17.23 6.46
CA TRP A 151 15.62 -15.93 5.79
C TRP A 151 16.48 -14.82 6.41
N ASP A 152 16.65 -14.83 7.73
CA ASP A 152 17.48 -13.80 8.38
C ASP A 152 18.94 -13.92 7.98
N THR A 153 19.43 -15.15 7.98
CA THR A 153 20.87 -15.43 8.15
C THR A 153 21.39 -16.44 7.13
N ASN A 154 20.93 -17.69 7.14
CA ASN A 154 21.64 -18.70 6.34
C ASN A 154 21.64 -18.31 4.87
N MET A 155 20.49 -17.92 4.33
CA MET A 155 20.42 -17.67 2.88
C MET A 155 21.14 -16.40 2.50
N PRO A 156 20.93 -15.24 3.16
CA PRO A 156 21.68 -14.05 2.76
C PRO A 156 23.19 -14.23 2.88
N GLU A 157 23.65 -14.91 3.92
CA GLU A 157 25.09 -15.15 4.08
C GLU A 157 25.61 -16.06 2.99
N GLU A 158 24.86 -17.08 2.59
CA GLU A 158 25.31 -17.92 1.46
C GLU A 158 25.42 -17.07 0.20
N ALA A 159 24.44 -16.22 -0.07
CA ALA A 159 24.44 -15.40 -1.29
C ALA A 159 25.60 -14.41 -1.27
N ALA A 160 25.84 -13.79 -0.13
CA ALA A 160 26.89 -12.77 0.00
C ALA A 160 28.29 -13.37 0.05
N GLY A 161 28.38 -14.64 0.39
CA GLY A 161 29.69 -15.29 0.56
C GLY A 161 30.33 -15.01 1.91
N GLY A 162 29.55 -14.82 2.96
CA GLY A 162 30.08 -14.63 4.31
C GLY A 162 29.18 -13.78 5.15
N TYR A 163 29.71 -13.25 6.25
CA TYR A 163 28.86 -12.68 7.31
C TYR A 163 29.41 -11.35 7.84
N SER A 164 30.62 -10.97 7.47
CA SER A 164 31.32 -9.82 8.06
C SER A 164 30.88 -8.49 7.46
N LEU A 165 31.32 -7.42 8.09
CA LEU A 165 31.06 -6.05 7.62
C LEU A 165 31.65 -5.88 6.23
N SER A 166 32.87 -6.35 5.99
CA SER A 166 33.46 -6.16 4.64
C SER A 166 32.69 -6.97 3.57
N VAL A 167 32.22 -8.16 3.91
CA VAL A 167 31.38 -8.94 2.97
C VAL A 167 30.07 -8.19 2.72
N ALA A 168 29.50 -7.59 3.76
CA ALA A 168 28.27 -6.77 3.59
C ALA A 168 28.54 -5.57 2.65
N LYS A 169 29.70 -4.94 2.78
CA LYS A 169 30.02 -3.79 1.92
C LYS A 169 30.06 -4.25 0.46
N THR A 170 30.74 -5.36 0.20
CA THR A 170 30.81 -5.90 -1.18
C THR A 170 29.41 -6.26 -1.69
N TYR A 171 28.59 -6.87 -0.86
CA TYR A 171 27.24 -7.28 -1.24
C TYR A 171 26.40 -6.04 -1.57
N ALA A 172 26.52 -5.01 -0.73
CA ALA A 172 25.81 -3.75 -0.98
C ALA A 172 26.27 -3.13 -2.29
N ASP A 173 27.56 -3.17 -2.59
CA ASP A 173 28.02 -2.66 -3.89
C ASP A 173 27.30 -3.37 -5.04
N LEU A 174 27.17 -4.69 -4.92
CA LEU A 174 26.53 -5.50 -5.95
C LEU A 174 25.08 -5.05 -6.13
N LEU A 175 24.36 -4.94 -5.04
CA LEU A 175 22.92 -4.61 -5.10
C LEU A 175 22.72 -3.15 -5.52
N THR A 176 23.59 -2.25 -5.08
CA THR A 176 23.55 -0.84 -5.52
C THR A 176 23.69 -0.74 -7.04
N GLU A 177 24.60 -1.51 -7.64
N GLU A 177 24.59 -1.50 -7.66
CA GLU A 177 24.73 -1.54 -9.11
CA GLU A 177 24.70 -1.45 -9.14
C GLU A 177 23.41 -1.99 -9.72
C GLU A 177 23.40 -1.99 -9.75
N ARG A 178 22.79 -3.03 -9.17
CA ARG A 178 21.52 -3.51 -9.73
C ARG A 178 20.46 -2.42 -9.71
N ILE A 179 20.45 -1.57 -8.68
CA ILE A 179 19.50 -0.43 -8.61
C ILE A 179 19.86 0.63 -9.66
N LYS A 180 21.13 1.04 -9.70
CA LYS A 180 21.47 2.21 -10.53
CA LYS A 180 21.49 2.20 -10.53
C LYS A 180 21.38 1.89 -12.02
N THR A 181 21.90 0.74 -12.44
CA THR A 181 22.02 0.41 -13.87
C THR A 181 21.59 -1.01 -14.22
N GLY A 182 21.55 -1.92 -13.26
CA GLY A 182 21.38 -3.34 -13.58
C GLY A 182 19.96 -3.79 -13.42
N THR A 183 19.84 -4.97 -12.78
N THR A 183 19.72 -4.97 -12.91
CA THR A 183 18.65 -5.84 -12.67
CA THR A 183 18.42 -5.63 -13.13
C THR A 183 17.38 -5.02 -12.36
C THR A 183 17.25 -5.01 -12.35
N TYR A 184 17.49 -4.07 -11.44
CA TYR A 184 16.38 -3.31 -10.85
C TYR A 184 16.22 -1.93 -11.43
N SER A 185 17.03 -1.56 -12.40
CA SER A 185 17.13 -0.14 -12.81
C SER A 185 15.83 0.37 -13.43
N SER A 186 15.04 -0.50 -14.09
CA SER A 186 13.78 -0.09 -14.76
C SER A 186 12.57 -0.19 -13.83
N LYS A 187 12.75 -0.71 -12.60
CA LYS A 187 11.70 -0.94 -11.55
C LYS A 187 11.88 0.06 -10.40
N LYS A 188 13.09 0.45 -10.08
CA LYS A 188 13.37 1.16 -8.82
C LYS A 188 12.73 2.54 -8.79
N ASP A 189 12.45 3.15 -9.92
CA ASP A 189 11.83 4.49 -9.92
C ASP A 189 10.42 4.46 -9.32
N SER A 190 9.81 3.28 -9.12
CA SER A 190 8.48 3.09 -8.48
CA SER A 190 8.49 3.22 -8.44
C SER A 190 8.63 2.72 -7.00
N TRP A 191 9.84 2.42 -6.54
CA TRP A 191 10.01 1.88 -5.17
C TRP A 191 9.72 2.86 -4.07
N THR A 192 9.60 4.13 -4.36
CA THR A 192 9.22 5.10 -3.32
C THR A 192 7.83 5.66 -3.55
N ASP A 193 7.03 5.02 -4.37
CA ASP A 193 5.63 5.45 -4.53
C ASP A 193 4.94 5.40 -3.18
N GLY A 194 4.18 6.44 -2.89
CA GLY A 194 3.42 6.55 -1.64
C GLY A 194 4.23 7.10 -0.48
N ILE A 195 5.54 7.33 -0.61
CA ILE A 195 6.34 7.79 0.54
C ILE A 195 5.79 9.15 1.00
N ASP A 196 5.65 9.32 2.30
CA ASP A 196 5.10 10.57 2.84
C ASP A 196 5.66 10.78 4.25
N ILE A 197 6.56 11.74 4.39
CA ILE A 197 7.19 12.01 5.70
C ILE A 197 6.14 12.44 6.73
N LYS A 198 4.99 12.94 6.29
CA LYS A 198 3.95 13.38 7.22
C LYS A 198 3.12 12.19 7.69
N ASP A 199 3.31 11.01 7.13
CA ASP A 199 2.53 9.81 7.50
C ASP A 199 3.45 8.61 7.53
N PRO A 200 4.25 8.52 8.61
CA PRO A 200 5.14 7.38 8.76
C PRO A 200 4.42 6.03 8.80
N VAL A 201 3.25 5.97 9.42
CA VAL A 201 2.50 4.70 9.45
C VAL A 201 2.10 4.28 8.05
N SER A 202 1.50 5.16 7.26
CA SER A 202 1.07 4.83 5.89
CA SER A 202 1.06 4.79 5.91
C SER A 202 2.29 4.39 5.08
N THR A 203 3.39 5.14 5.18
CA THR A 203 4.58 4.87 4.37
C THR A 203 5.13 3.47 4.69
N SER A 204 5.37 3.23 5.97
CA SER A 204 6.02 1.98 6.38
C SER A 204 5.06 0.80 6.17
N MET A 205 3.77 1.02 6.27
CA MET A 205 2.79 -0.02 5.93
C MET A 205 2.84 -0.40 4.46
N ILE A 206 3.09 0.55 3.56
CA ILE A 206 3.25 0.18 2.13
C ILE A 206 4.42 -0.79 2.02
N TRP A 207 5.50 -0.50 2.68
CA TRP A 207 6.72 -1.34 2.64
CA TRP A 207 6.70 -1.35 2.56
C TRP A 207 6.47 -2.72 3.23
N ALA A 208 5.79 -2.73 4.37
CA ALA A 208 5.51 -4.01 5.06
C ALA A 208 4.57 -4.85 4.18
N ALA A 209 3.58 -4.22 3.58
CA ALA A 209 2.64 -4.96 2.72
C ALA A 209 3.38 -5.56 1.51
N ASP A 210 4.28 -4.77 0.95
CA ASP A 210 5.09 -5.23 -0.19
C ASP A 210 5.86 -6.47 0.21
N ALA A 211 6.63 -6.38 1.29
CA ALA A 211 7.42 -7.56 1.73
C ALA A 211 6.49 -8.73 2.06
N ASN A 212 5.37 -8.46 2.72
CA ASN A 212 4.44 -9.52 3.12
C ASN A 212 3.93 -10.32 1.93
N THR A 213 3.76 -9.68 0.77
CA THR A 213 3.28 -10.43 -0.40
C THR A 213 4.17 -11.65 -0.65
N TYR A 214 5.45 -11.53 -0.38
CA TYR A 214 6.41 -12.62 -0.67
C TYR A 214 6.27 -13.76 0.35
N VAL A 215 5.58 -13.55 1.47
CA VAL A 215 5.28 -14.70 2.35
C VAL A 215 4.47 -15.71 1.56
N CYS A 216 3.50 -15.25 0.81
CA CYS A 216 2.62 -16.12 0.02
C CYS A 216 3.29 -16.55 -1.28
N SER A 217 4.02 -15.69 -1.97
CA SER A 217 4.56 -16.05 -3.32
C SER A 217 5.81 -16.93 -3.22
N THR A 218 6.55 -16.79 -2.14
CA THR A 218 7.95 -17.29 -2.11
C THR A 218 8.27 -18.03 -0.82
N VAL A 219 7.94 -17.48 0.35
CA VAL A 219 8.40 -18.08 1.62
C VAL A 219 7.68 -19.42 1.85
N LEU A 220 6.39 -19.47 1.51
N LEU A 220 6.33 -19.39 1.83
CA LEU A 220 5.54 -20.64 1.81
CA LEU A 220 5.44 -20.48 2.34
C LEU A 220 4.84 -21.18 0.58
C LEU A 220 4.66 -21.18 1.21
N ASP A 221 5.04 -20.67 -0.61
N ASP A 221 4.97 -20.84 -0.06
CA ASP A 221 4.18 -21.21 -1.68
CA ASP A 221 4.31 -21.26 -1.34
C ASP A 221 4.39 -22.73 -1.77
C ASP A 221 4.43 -22.76 -1.62
N ASP A 222 5.66 -23.19 -1.83
N ASP A 222 5.35 -23.44 -0.92
CA ASP A 222 5.92 -24.65 -2.05
CA ASP A 222 5.66 -24.88 -1.12
C ASP A 222 5.02 -25.49 -1.17
C ASP A 222 4.79 -25.76 -0.21
N GLY A 223 4.46 -24.93 -0.10
N GLY A 223 4.19 -25.19 0.82
CA GLY A 223 3.62 -25.66 0.86
CA GLY A 223 3.44 -25.95 1.83
C GLY A 223 4.45 -26.32 1.95
C GLY A 223 4.36 -26.52 2.89
N LEU A 224 3.83 -26.55 3.12
N LEU A 224 3.78 -26.87 4.04
CA LEU A 224 4.59 -27.04 4.29
CA LEU A 224 4.57 -27.16 5.27
C LEU A 224 4.94 -28.53 4.18
C LEU A 224 5.14 -28.57 5.24
N ALA A 225 4.28 -29.33 3.34
N ALA A 225 4.51 -29.53 4.55
CA ALA A 225 4.73 -30.72 3.16
CA ALA A 225 5.18 -30.85 4.40
C ALA A 225 6.15 -30.71 2.59
C ALA A 225 6.54 -30.67 3.70
N TYR A 226 6.36 -29.90 1.56
N TYR A 226 6.56 -29.97 2.58
CA TYR A 226 7.69 -29.74 0.92
CA TYR A 226 7.80 -29.73 1.81
C TYR A 226 8.63 -29.07 1.92
C TYR A 226 8.81 -29.02 2.72
N ILE A 227 8.22 -27.97 2.55
N ILE A 227 8.36 -27.95 3.37
CA ILE A 227 9.14 -27.14 3.37
CA ILE A 227 9.26 -27.07 4.16
C ILE A 227 9.59 -27.92 4.60
C ILE A 227 9.86 -27.86 5.33
N ASN A 228 8.72 -28.73 5.18
N ASN A 228 9.09 -28.75 5.94
CA ASN A 228 9.08 -29.47 6.42
CA ASN A 228 9.56 -29.50 7.13
C ASN A 228 10.02 -30.65 6.10
C ASN A 228 10.50 -30.63 6.72
N SER A 229 10.03 -31.12 4.86
N SER A 229 10.43 -31.10 5.47
CA SER A 229 10.62 -32.43 4.53
CA SER A 229 11.07 -32.39 5.07
C SER A 229 11.83 -32.31 3.62
C SER A 229 12.17 -32.26 4.01
N THR A 230 12.33 -31.11 3.34
CA THR A 230 13.28 -30.94 2.23
C THR A 230 14.44 -30.07 2.69
N ASP A 231 15.66 -30.38 2.29
CA ASP A 231 16.78 -29.49 2.58
C ASP A 231 16.55 -28.23 1.76
N LEU A 232 16.47 -27.08 2.42
CA LEU A 232 16.06 -25.82 1.74
C LEU A 232 17.25 -25.08 1.15
N SER A 233 18.44 -25.67 1.18
CA SER A 233 19.64 -25.02 0.59
C SER A 233 19.72 -25.22 -0.91
N GLY A 234 18.87 -26.06 -1.48
CA GLY A 234 18.88 -26.34 -2.93
C GLY A 234 17.88 -25.44 -3.64
N GLU A 235 16.85 -26.04 -4.21
CA GLU A 235 15.84 -25.33 -5.04
CA GLU A 235 15.94 -25.25 -5.07
C GLU A 235 15.18 -24.20 -4.25
N TYR A 236 14.94 -24.41 -2.94
CA TYR A 236 14.26 -23.34 -2.17
C TYR A 236 15.13 -22.09 -2.10
N TYR A 237 16.41 -22.24 -1.80
CA TYR A 237 17.38 -21.14 -1.83
C TYR A 237 17.38 -20.50 -3.22
N ASP A 238 17.40 -21.33 -4.26
CA ASP A 238 17.51 -20.78 -5.63
C ASP A 238 16.34 -19.86 -5.94
N LYS A 239 15.14 -20.20 -5.49
CA LYS A 239 13.97 -19.35 -5.75
C LYS A 239 13.91 -18.19 -4.77
N SER A 240 14.45 -18.35 -3.57
CA SER A 240 14.41 -17.29 -2.55
C SER A 240 15.41 -16.18 -2.83
N GLN A 241 16.56 -16.53 -3.39
CA GLN A 241 17.66 -15.56 -3.54
C GLN A 241 17.23 -14.31 -4.29
N PRO A 242 16.60 -14.39 -5.48
CA PRO A 242 16.23 -13.14 -6.15
C PRO A 242 15.28 -12.28 -5.31
N VAL A 243 14.44 -12.94 -4.52
CA VAL A 243 13.46 -12.22 -3.68
C VAL A 243 14.13 -11.53 -2.52
N PHE A 244 14.93 -12.22 -1.71
CA PHE A 244 15.56 -11.48 -0.60
C PHE A 244 16.56 -10.46 -1.13
N GLU A 245 17.22 -10.70 -2.27
CA GLU A 245 18.15 -9.67 -2.77
C GLU A 245 17.39 -8.42 -3.17
N GLU A 246 16.26 -8.56 -3.88
CA GLU A 246 15.51 -7.36 -4.26
C GLU A 246 14.97 -6.66 -3.01
N LEU A 247 14.53 -7.42 -2.00
CA LEU A 247 14.00 -6.78 -0.78
C LEU A 247 15.10 -6.07 0.00
N ILE A 248 16.30 -6.61 0.06
CA ILE A 248 17.42 -5.90 0.70
C ILE A 248 17.72 -4.62 -0.08
N ALA A 249 17.73 -4.69 -1.41
CA ALA A 249 17.94 -3.50 -2.24
C ALA A 249 16.85 -2.47 -1.98
N LYS A 250 15.59 -2.90 -1.97
CA LYS A 250 14.47 -1.97 -1.68
C LYS A 250 14.66 -1.36 -0.29
N ALA A 251 15.03 -2.15 0.69
CA ALA A 251 15.18 -1.61 2.07
C ALA A 251 16.22 -0.49 2.06
N GLY A 252 17.35 -0.70 1.38
CA GLY A 252 18.39 0.32 1.39
C GLY A 252 17.96 1.56 0.63
N TYR A 253 17.29 1.38 -0.50
CA TYR A 253 16.84 2.51 -1.33
C TYR A 253 15.77 3.31 -0.59
N ARG A 254 14.83 2.61 0.02
CA ARG A 254 13.75 3.25 0.78
C ARG A 254 14.30 3.90 2.05
N LEU A 255 15.22 3.25 2.75
CA LEU A 255 15.85 3.89 3.92
C LEU A 255 16.51 5.19 3.49
N ALA A 256 17.23 5.19 2.36
CA ALA A 256 17.87 6.43 1.91
C ALA A 256 16.82 7.51 1.65
N ALA A 257 15.74 7.17 0.96
CA ALA A 257 14.69 8.16 0.65
C ALA A 257 14.10 8.72 1.93
N TRP A 258 13.89 7.87 2.92
CA TRP A 258 13.31 8.26 4.20
C TRP A 258 14.26 9.16 4.97
N LEU A 259 15.54 8.78 5.03
CA LEU A 259 16.53 9.65 5.71
C LEU A 259 16.62 11.00 4.99
N ASP A 260 16.55 11.03 3.67
CA ASP A 260 16.57 12.32 2.95
C ASP A 260 15.40 13.17 3.41
N LEU A 261 14.21 12.61 3.52
CA LEU A 261 13.04 13.39 3.96
C LEU A 261 13.22 13.85 5.41
N ILE A 262 13.77 13.00 6.28
CA ILE A 262 13.98 13.37 7.68
C ILE A 262 14.93 14.56 7.73
N ALA A 263 16.01 14.55 6.96
CA ALA A 263 17.06 15.58 7.02
C ALA A 263 16.70 16.83 6.19
N SER A 264 15.71 16.78 5.29
CA SER A 264 15.36 17.79 4.25
C SER A 264 14.99 19.13 4.87
N GLN A 265 15.44 20.21 4.27
CA GLN A 265 14.98 21.56 4.61
C GLN A 265 15.00 22.34 3.30
N PRO A 266 13.97 23.17 3.05
CA PRO A 266 13.87 23.90 1.79
C PRO A 266 14.81 25.09 1.79
N SER A 267 15.73 25.16 0.81
CA SER A 267 16.81 26.21 0.69
C SER A 267 16.24 27.59 0.36
N TRP B 1 -10.41 7.16 -4.13
CA TRP B 1 -10.67 7.27 -2.69
C TRP B 1 -9.64 6.47 -1.90
N GLY B 2 -9.50 6.80 -0.63
CA GLY B 2 -8.80 5.91 0.29
C GLY B 2 -9.67 4.73 0.68
N ASN B 3 -9.18 3.97 1.64
CA ASN B 3 -9.80 2.69 1.97
C ASN B 3 -11.26 2.89 2.42
N LEU B 4 -11.51 3.87 3.27
CA LEU B 4 -12.88 4.10 3.79
C LEU B 4 -13.82 4.31 2.61
N GLY B 5 -13.47 5.17 1.67
CA GLY B 5 -14.37 5.39 0.53
C GLY B 5 -14.65 4.13 -0.25
N HIS B 6 -13.61 3.34 -0.53
CA HIS B 6 -13.80 2.12 -1.33
C HIS B 6 -14.67 1.11 -0.58
N GLU B 7 -14.43 0.95 0.71
CA GLU B 7 -15.22 -0.01 1.51
C GLU B 7 -16.68 0.46 1.57
N THR B 8 -16.89 1.75 1.69
CA THR B 8 -18.27 2.30 1.73
C THR B 8 -19.00 2.00 0.42
N VAL B 9 -18.35 2.28 -0.71
CA VAL B 9 -18.93 1.99 -2.03
C VAL B 9 -19.29 0.51 -2.10
N ALA B 10 -18.41 -0.35 -1.66
CA ALA B 10 -18.63 -1.80 -1.74
C ALA B 10 -19.79 -2.24 -0.86
N TYR B 11 -19.88 -1.75 0.37
CA TYR B 11 -21.01 -2.09 1.25
C TYR B 11 -22.33 -1.63 0.63
N ILE B 12 -22.35 -0.43 0.05
CA ILE B 12 -23.58 0.04 -0.62
C ILE B 12 -23.95 -0.94 -1.73
N ALA B 13 -22.98 -1.31 -2.56
CA ALA B 13 -23.29 -2.25 -3.65
C ALA B 13 -23.87 -3.55 -3.10
N GLN B 14 -23.31 -4.07 -2.02
CA GLN B 14 -23.85 -5.32 -1.44
C GLN B 14 -25.35 -5.17 -1.11
N SER B 15 -25.79 -3.99 -0.71
CA SER B 15 -27.19 -3.73 -0.33
C SER B 15 -28.13 -3.67 -1.53
N PHE B 16 -27.63 -3.54 -2.74
CA PHE B 16 -28.51 -3.41 -3.92
C PHE B 16 -28.41 -4.59 -4.88
N VAL B 17 -27.36 -5.41 -4.84
CA VAL B 17 -27.24 -6.51 -5.82
C VAL B 17 -28.37 -7.52 -5.59
N ALA B 18 -28.73 -8.21 -6.66
CA ALA B 18 -29.63 -9.38 -6.58
C ALA B 18 -28.94 -10.50 -5.81
N SER B 19 -29.75 -11.40 -5.25
CA SER B 19 -29.19 -12.57 -4.57
C SER B 19 -28.33 -13.44 -5.48
N SER B 20 -28.70 -13.61 -6.74
CA SER B 20 -27.88 -14.43 -7.67
C SER B 20 -26.54 -13.75 -7.90
N THR B 21 -26.53 -12.43 -7.92
CA THR B 21 -25.29 -11.67 -8.09
C THR B 21 -24.40 -11.83 -6.87
N GLU B 22 -25.00 -11.71 -5.69
CA GLU B 22 -24.28 -11.96 -4.42
CA GLU B 22 -24.27 -11.95 -4.42
C GLU B 22 -23.60 -13.33 -4.49
N SER B 23 -24.36 -14.36 -4.84
CA SER B 23 -23.79 -15.73 -4.90
CA SER B 23 -23.83 -15.75 -4.95
CA SER B 23 -23.80 -15.75 -4.92
C SER B 23 -22.66 -15.80 -5.94
N PHE B 24 -22.85 -15.22 -7.11
CA PHE B 24 -21.83 -15.21 -8.18
C PHE B 24 -20.54 -14.60 -7.66
N CYS B 25 -20.64 -13.46 -7.00
CA CYS B 25 -19.44 -12.76 -6.47
C CYS B 25 -18.81 -13.53 -5.31
N GLN B 26 -19.63 -14.02 -4.39
CA GLN B 26 -19.07 -14.75 -3.23
C GLN B 26 -18.32 -15.98 -3.71
N ASN B 27 -18.82 -16.65 -4.74
CA ASN B 27 -18.14 -17.85 -5.31
C ASN B 27 -16.79 -17.47 -5.89
N ILE B 28 -16.72 -16.39 -6.66
CA ILE B 28 -15.43 -15.94 -7.26
C ILE B 28 -14.45 -15.53 -6.14
N LEU B 29 -14.94 -14.86 -5.11
CA LEU B 29 -14.03 -14.29 -4.08
C LEU B 29 -13.68 -15.32 -2.99
N GLY B 30 -14.41 -16.43 -2.90
CA GLY B 30 -14.18 -17.40 -1.81
C GLY B 30 -14.52 -16.79 -0.47
N ASP B 31 -15.56 -15.95 -0.44
CA ASP B 31 -15.95 -15.20 0.78
C ASP B 31 -17.46 -15.06 0.77
N ASP B 32 -18.14 -15.74 1.70
CA ASP B 32 -19.62 -15.60 1.82
C ASP B 32 -20.00 -14.83 3.09
N SER B 33 -19.10 -14.02 3.60
CA SER B 33 -19.38 -13.11 4.72
C SER B 33 -20.29 -11.98 4.24
N THR B 34 -20.83 -11.25 5.19
CA THR B 34 -21.60 -10.02 4.92
C THR B 34 -20.67 -8.84 4.63
N SER B 35 -19.37 -9.08 4.43
CA SER B 35 -18.44 -8.03 3.98
C SER B 35 -17.72 -8.46 2.69
N TYR B 36 -18.28 -9.38 1.92
CA TYR B 36 -17.55 -10.00 0.81
C TYR B 36 -17.00 -8.94 -0.18
N LEU B 37 -17.77 -7.96 -0.61
CA LEU B 37 -17.22 -6.94 -1.55
C LEU B 37 -16.31 -5.98 -0.77
N ALA B 38 -16.71 -5.56 0.43
CA ALA B 38 -15.92 -4.57 1.18
C ALA B 38 -14.53 -5.14 1.50
N ASN B 39 -14.45 -6.43 1.71
CA ASN B 39 -13.20 -7.09 2.12
C ASN B 39 -12.15 -7.03 1.01
N VAL B 40 -12.55 -6.85 -0.25
CA VAL B 40 -11.60 -6.81 -1.39
C VAL B 40 -11.51 -5.42 -2.02
N ALA B 41 -12.25 -4.44 -1.53
CA ALA B 41 -12.40 -3.16 -2.23
C ALA B 41 -11.13 -2.32 -2.22
N THR B 42 -10.16 -2.65 -1.38
CA THR B 42 -8.90 -1.88 -1.28
C THR B 42 -7.73 -2.62 -1.93
N TRP B 43 -7.94 -3.86 -2.36
CA TRP B 43 -6.84 -4.69 -2.90
C TRP B 43 -6.06 -3.98 -4.00
N ALA B 44 -6.74 -3.30 -4.91
CA ALA B 44 -6.02 -2.70 -6.05
C ALA B 44 -5.04 -1.65 -5.54
N ASP B 45 -5.35 -0.99 -4.43
CA ASP B 45 -4.44 0.04 -3.87
C ASP B 45 -3.22 -0.57 -3.20
N THR B 46 -3.28 -1.78 -2.69
CA THR B 46 -2.04 -2.41 -2.19
CA THR B 46 -2.10 -2.52 -2.18
C THR B 46 -1.27 -3.02 -3.37
N TYR B 47 -1.97 -3.61 -4.32
CA TYR B 47 -1.31 -4.30 -5.46
C TYR B 47 -0.43 -3.33 -6.24
N LYS B 48 -0.89 -2.10 -6.42
CA LYS B 48 -0.19 -1.14 -7.31
C LYS B 48 1.17 -0.71 -6.77
N TYR B 49 1.50 -1.01 -5.50
N TYR B 49 1.39 -0.89 -5.48
CA TYR B 49 2.82 -0.65 -4.89
CA TYR B 49 2.69 -0.67 -4.83
C TYR B 49 3.85 -1.77 -5.00
C TYR B 49 3.30 -2.05 -4.54
N THR B 50 3.44 -2.89 -5.57
N THR B 50 3.16 -2.96 -5.50
CA THR B 50 4.35 -4.04 -5.79
CA THR B 50 3.89 -4.26 -5.57
C THR B 50 4.90 -3.99 -7.20
C THR B 50 4.44 -4.46 -6.98
N ASP B 51 6.02 -4.66 -7.42
N ASP B 51 5.48 -5.27 -7.16
CA ASP B 51 6.56 -4.77 -8.79
CA ASP B 51 6.10 -5.51 -8.48
C ASP B 51 5.49 -5.32 -9.72
C ASP B 51 5.05 -6.09 -9.43
N ALA B 52 4.83 -6.41 -9.33
N ALA B 52 4.26 -7.04 -8.94
CA ALA B 52 3.85 -7.11 -10.20
CA ALA B 52 3.27 -7.78 -9.75
C ALA B 52 2.67 -6.19 -10.52
C ALA B 52 2.15 -6.84 -10.19
N GLY B 53 2.34 -5.27 -9.63
N GLY B 53 1.91 -5.74 -9.47
CA GLY B 53 1.14 -4.44 -9.80
CA GLY B 53 0.74 -4.88 -9.73
C GLY B 53 1.47 -3.07 -10.36
C GLY B 53 1.03 -3.45 -10.21
N GLU B 54 2.73 -2.71 -10.52
N GLU B 54 2.29 -3.05 -10.44
CA GLU B 54 3.14 -1.39 -11.03
CA GLU B 54 2.66 -1.63 -10.77
C GLU B 54 2.29 -1.04 -12.26
C GLU B 54 2.04 -1.17 -12.09
N PHE B 55 2.03 -1.99 -13.16
CA PHE B 55 1.40 -1.71 -14.45
C PHE B 55 -0.01 -1.15 -14.23
N SER B 56 -0.63 -1.43 -13.10
CA SER B 56 -2.05 -1.11 -12.87
C SER B 56 -2.23 0.25 -12.22
N LYS B 57 -1.17 0.96 -11.87
CA LYS B 57 -1.33 2.32 -11.29
C LYS B 57 -2.21 3.21 -12.15
N PRO B 58 -2.04 3.28 -13.48
CA PRO B 58 -2.84 4.22 -14.26
C PRO B 58 -4.34 3.87 -14.31
N TYR B 59 -4.68 2.65 -13.94
CA TYR B 59 -6.06 2.15 -14.05
C TYR B 59 -6.98 2.78 -13.00
N HIS B 60 -6.42 3.60 -12.10
CA HIS B 60 -7.24 4.23 -11.05
C HIS B 60 -7.89 5.52 -11.53
N PHE B 61 -7.50 6.05 -12.66
CA PHE B 61 -7.96 7.39 -13.06
C PHE B 61 -8.04 7.50 -14.57
N ILE B 62 -8.70 8.57 -15.00
CA ILE B 62 -8.63 9.03 -16.41
C ILE B 62 -8.38 10.52 -16.36
N ASP B 63 -7.23 10.92 -16.87
CA ASP B 63 -6.76 12.30 -16.68
CA ASP B 63 -6.65 12.27 -16.77
C ASP B 63 -7.37 13.21 -17.75
N ALA B 64 -8.58 13.65 -17.44
CA ALA B 64 -9.35 14.52 -18.36
C ALA B 64 -8.60 15.81 -18.65
N GLN B 65 -8.37 16.09 -19.92
CA GLN B 65 -7.64 17.31 -20.33
C GLN B 65 -8.62 18.43 -20.64
N ASP B 66 -9.32 18.85 -19.61
CA ASP B 66 -10.31 19.95 -19.67
C ASP B 66 -9.68 21.22 -19.09
N ASN B 67 -10.49 22.19 -18.74
CA ASN B 67 -10.00 23.52 -18.33
C ASN B 67 -10.80 24.03 -17.14
N PRO B 68 -10.76 23.32 -16.00
CA PRO B 68 -11.60 23.69 -14.88
C PRO B 68 -11.06 24.88 -14.10
N PRO B 69 -11.92 25.64 -13.40
CA PRO B 69 -13.36 25.41 -13.34
C PRO B 69 -14.23 25.97 -14.48
N GLN B 70 -13.63 26.64 -15.46
CA GLN B 70 -14.37 27.27 -16.57
CA GLN B 70 -14.49 27.27 -16.49
C GLN B 70 -15.06 26.23 -17.45
N SER B 71 -14.38 25.11 -17.71
CA SER B 71 -14.87 24.08 -18.68
CA SER B 71 -15.02 24.06 -18.55
C SER B 71 -14.44 22.69 -18.21
N CYS B 72 -15.37 21.75 -18.17
CA CYS B 72 -15.07 20.36 -17.81
C CYS B 72 -15.51 19.44 -18.93
N GLY B 73 -14.80 18.34 -19.07
CA GLY B 73 -15.20 17.29 -20.00
C GLY B 73 -14.17 16.20 -20.03
N VAL B 74 -14.63 15.01 -20.37
CA VAL B 74 -13.77 13.78 -20.50
C VAL B 74 -13.96 13.21 -21.89
N ASP B 75 -12.86 12.78 -22.50
CA ASP B 75 -12.84 12.22 -23.86
CA ASP B 75 -12.92 12.16 -23.84
C ASP B 75 -12.00 10.94 -23.82
N TYR B 76 -12.57 9.77 -24.06
CA TYR B 76 -11.82 8.52 -23.88
C TYR B 76 -10.57 8.50 -24.73
N ASP B 77 -10.69 8.78 -26.02
CA ASP B 77 -9.49 8.63 -26.87
C ASP B 77 -8.47 9.72 -26.51
N ARG B 78 -8.92 10.90 -26.16
CA ARG B 78 -7.99 11.99 -25.81
C ARG B 78 -7.29 11.69 -24.49
N ASP B 79 -8.02 11.14 -23.54
CA ASP B 79 -7.60 11.22 -22.14
C ASP B 79 -7.10 9.89 -21.56
N CYS B 80 -7.45 8.75 -22.14
CA CYS B 80 -7.04 7.48 -21.51
C CYS B 80 -5.53 7.35 -21.51
N GLY B 81 -4.93 7.43 -22.68
CA GLY B 81 -3.48 7.34 -22.83
C GLY B 81 -3.02 5.91 -23.08
N SER B 82 -1.75 5.77 -23.45
CA SER B 82 -1.21 4.49 -23.96
C SER B 82 -1.06 3.48 -22.83
N ALA B 83 -0.96 3.91 -21.57
CA ALA B 83 -0.74 3.00 -20.43
C ALA B 83 -2.09 2.51 -19.88
N GLY B 84 -3.21 2.93 -20.46
CA GLY B 84 -4.53 2.56 -19.95
C GLY B 84 -5.02 3.50 -18.87
N CYS B 85 -6.24 3.27 -18.43
CA CYS B 85 -6.93 4.21 -17.55
C CYS B 85 -8.08 3.47 -16.88
N SER B 86 -8.80 4.13 -16.02
CA SER B 86 -9.94 3.53 -15.33
C SER B 86 -10.91 2.92 -16.34
N ILE B 87 -11.20 3.67 -17.40
CA ILE B 87 -12.20 3.24 -18.40
C ILE B 87 -11.71 1.98 -19.10
N SER B 88 -10.47 1.98 -19.60
CA SER B 88 -9.95 0.80 -20.32
C SER B 88 -9.91 -0.41 -19.39
N ALA B 89 -9.58 -0.20 -18.13
CA ALA B 89 -9.54 -1.29 -17.15
C ALA B 89 -10.96 -1.82 -16.90
N ILE B 90 -11.96 -0.96 -16.77
CA ILE B 90 -13.33 -1.48 -16.61
C ILE B 90 -13.70 -2.34 -17.82
N GLN B 91 -13.33 -1.92 -19.02
CA GLN B 91 -13.62 -2.74 -20.21
C GLN B 91 -12.93 -4.10 -20.07
N ASN B 92 -11.64 -4.07 -19.83
CA ASN B 92 -10.84 -5.33 -19.81
C ASN B 92 -11.36 -6.28 -18.74
N TYR B 93 -11.53 -5.79 -17.52
CA TYR B 93 -11.88 -6.70 -16.41
C TYR B 93 -13.35 -7.11 -16.47
N THR B 94 -14.22 -6.25 -16.94
CA THR B 94 -15.62 -6.65 -17.17
C THR B 94 -15.65 -7.80 -18.17
N ASN B 95 -14.93 -7.65 -19.27
CA ASN B 95 -15.00 -8.66 -20.35
C ASN B 95 -14.38 -9.97 -19.87
N ILE B 96 -13.36 -9.94 -19.02
CA ILE B 96 -12.87 -11.20 -18.40
C ILE B 96 -14.00 -11.86 -17.61
N LEU B 97 -14.75 -11.10 -16.85
CA LEU B 97 -15.82 -11.68 -16.02
C LEU B 97 -16.99 -12.16 -16.88
N LEU B 98 -17.23 -11.56 -18.03
CA LEU B 98 -18.32 -12.00 -18.92
C LEU B 98 -17.90 -13.29 -19.63
N GLU B 99 -16.64 -13.39 -20.04
CA GLU B 99 -16.18 -14.48 -20.92
C GLU B 99 -15.69 -15.66 -20.10
N SER B 100 -15.06 -15.42 -18.96
CA SER B 100 -14.27 -16.43 -18.21
C SER B 100 -14.50 -16.28 -16.72
N PRO B 101 -15.76 -16.27 -16.23
CA PRO B 101 -16.00 -16.03 -14.81
C PRO B 101 -15.45 -17.13 -13.90
N ASN B 102 -15.26 -18.35 -14.43
CA ASN B 102 -14.81 -19.49 -13.61
C ASN B 102 -13.30 -19.69 -13.71
N GLY B 103 -12.59 -18.86 -14.46
CA GLY B 103 -11.14 -19.00 -14.70
C GLY B 103 -10.29 -18.30 -13.65
N SER B 104 -8.97 -18.36 -13.84
CA SER B 104 -7.95 -17.91 -12.86
C SER B 104 -7.86 -16.39 -12.83
N GLU B 105 -8.37 -15.71 -13.87
CA GLU B 105 -8.28 -14.24 -14.00
CA GLU B 105 -8.28 -14.23 -13.98
C GLU B 105 -9.50 -13.56 -13.33
N ALA B 106 -10.58 -14.30 -13.05
CA ALA B 106 -11.83 -13.67 -12.59
C ALA B 106 -11.65 -13.01 -11.22
N LEU B 107 -10.88 -13.60 -10.32
CA LEU B 107 -10.71 -13.07 -8.95
C LEU B 107 -10.17 -11.63 -9.02
N ASN B 108 -9.05 -11.44 -9.66
CA ASN B 108 -8.48 -10.08 -9.71
C ASN B 108 -9.41 -9.18 -10.53
N ALA B 109 -10.02 -9.67 -11.61
CA ALA B 109 -10.91 -8.84 -12.42
C ALA B 109 -12.03 -8.27 -11.54
N LEU B 110 -12.65 -9.11 -10.71
CA LEU B 110 -13.75 -8.64 -9.84
C LEU B 110 -13.20 -7.65 -8.81
N LYS B 111 -12.05 -7.91 -8.21
CA LYS B 111 -11.48 -6.94 -7.25
CA LYS B 111 -11.43 -6.95 -7.26
C LYS B 111 -11.20 -5.61 -7.95
N PHE B 112 -10.70 -5.64 -9.17
CA PHE B 112 -10.48 -4.39 -9.91
C PHE B 112 -11.80 -3.66 -10.18
N VAL B 113 -12.84 -4.37 -10.61
CA VAL B 113 -14.11 -3.69 -10.92
C VAL B 113 -14.68 -3.05 -9.66
N VAL B 114 -14.67 -3.76 -8.55
CA VAL B 114 -15.20 -3.20 -7.28
C VAL B 114 -14.46 -1.92 -6.93
N HIS B 115 -13.15 -1.91 -7.05
CA HIS B 115 -12.36 -0.74 -6.68
C HIS B 115 -12.54 0.39 -7.69
N ILE B 116 -12.37 0.09 -8.96
CA ILE B 116 -12.25 1.14 -9.99
C ILE B 116 -13.59 1.82 -10.19
N ILE B 117 -14.73 1.11 -10.12
CA ILE B 117 -16.00 1.88 -10.23
CA ILE B 117 -16.03 1.84 -10.19
C ILE B 117 -16.06 2.90 -9.08
N GLY B 118 -15.54 2.56 -7.91
CA GLY B 118 -15.42 3.59 -6.86
C GLY B 118 -14.55 4.76 -7.30
N ASP B 119 -13.36 4.49 -7.81
CA ASP B 119 -12.42 5.56 -8.20
C ASP B 119 -13.01 6.47 -9.28
N ILE B 120 -13.79 5.93 -10.23
CA ILE B 120 -14.35 6.76 -11.29
C ILE B 120 -15.24 7.86 -10.71
N HIS B 121 -15.83 7.61 -9.54
CA HIS B 121 -16.70 8.61 -8.89
C HIS B 121 -15.98 9.63 -7.99
N GLN B 122 -14.65 9.52 -7.85
CA GLN B 122 -13.87 10.56 -7.15
C GLN B 122 -13.53 11.58 -8.22
N PRO B 123 -14.08 12.81 -8.19
CA PRO B 123 -13.90 13.72 -9.32
C PRO B 123 -12.44 13.95 -9.74
N LEU B 124 -11.53 13.99 -8.77
CA LEU B 124 -10.12 14.23 -9.11
C LEU B 124 -9.41 12.98 -9.63
N HIS B 125 -10.10 11.86 -9.69
CA HIS B 125 -9.69 10.70 -10.50
C HIS B 125 -10.21 10.83 -11.95
N ASP B 126 -10.79 11.95 -12.31
CA ASP B 126 -11.24 12.25 -13.67
C ASP B 126 -10.73 13.62 -14.10
N GLU B 127 -9.46 13.92 -13.83
CA GLU B 127 -8.94 15.28 -14.05
C GLU B 127 -7.43 15.28 -14.20
N ASN B 128 -6.94 15.82 -15.31
CA ASN B 128 -5.47 15.87 -15.54
C ASN B 128 -4.76 16.93 -14.71
N LEU B 129 -5.38 18.04 -14.42
CA LEU B 129 -4.69 19.22 -13.85
C LEU B 129 -3.88 18.83 -12.62
N GLU B 130 -2.60 19.14 -12.65
CA GLU B 130 -1.71 18.93 -11.49
C GLU B 130 -1.79 17.48 -11.01
N ALA B 131 -1.86 16.55 -11.96
CA ALA B 131 -1.92 15.10 -11.71
C ALA B 131 -3.10 14.79 -10.79
N GLY B 132 -4.30 15.07 -11.26
CA GLY B 132 -5.49 14.84 -10.44
C GLY B 132 -5.50 15.68 -9.18
N GLY B 133 -4.89 16.85 -9.21
CA GLY B 133 -4.82 17.71 -8.02
C GLY B 133 -3.76 17.36 -7.01
N ASN B 134 -2.95 16.34 -7.23
CA ASN B 134 -1.85 16.00 -6.31
C ASN B 134 -0.87 17.16 -6.19
N GLY B 135 -0.68 17.90 -7.26
CA GLY B 135 0.26 19.02 -7.27
C GLY B 135 -0.26 20.29 -6.64
N ILE B 136 -1.50 20.27 -6.13
CA ILE B 136 -2.09 21.46 -5.47
C ILE B 136 -1.97 21.26 -3.97
N ASP B 137 -0.95 21.87 -3.38
CA ASP B 137 -0.79 21.83 -1.93
C ASP B 137 -1.90 22.64 -1.28
N VAL B 138 -2.43 22.10 -0.18
CA VAL B 138 -3.49 22.79 0.59
C VAL B 138 -3.24 22.57 2.07
N THR B 139 -3.94 23.36 2.87
CA THR B 139 -4.01 23.14 4.31
C THR B 139 -5.38 22.56 4.65
N TYR B 140 -5.39 21.53 5.49
CA TYR B 140 -6.65 20.91 5.92
C TYR B 140 -6.55 20.69 7.41
N ASP B 141 -7.36 21.41 8.17
CA ASP B 141 -7.36 21.37 9.65
C ASP B 141 -5.93 21.47 10.17
N GLY B 142 -5.22 22.46 9.65
CA GLY B 142 -3.90 22.81 10.16
C GLY B 142 -2.78 22.00 9.58
N GLU B 143 -3.08 20.96 8.80
CA GLU B 143 -2.07 19.99 8.28
C GLU B 143 -1.81 20.32 6.81
N THR B 144 -0.58 20.22 6.38
CA THR B 144 -0.21 20.38 4.98
C THR B 144 -0.47 19.07 4.22
N THR B 145 -1.24 19.18 3.14
CA THR B 145 -1.62 18.00 2.32
C THR B 145 -1.84 18.50 0.90
N ASN B 146 -2.64 17.81 0.13
CA ASN B 146 -2.89 18.23 -1.26
C ASN B 146 -4.38 18.04 -1.56
N LEU B 147 -4.83 18.65 -2.64
CA LEU B 147 -6.27 18.68 -2.92
C LEU B 147 -6.76 17.27 -3.26
N HIS B 148 -5.97 16.48 -3.97
CA HIS B 148 -6.37 15.10 -4.25
C HIS B 148 -6.61 14.34 -2.96
N HIS B 149 -5.67 14.44 -2.04
CA HIS B 149 -5.69 13.67 -0.78
CA HIS B 149 -5.71 13.64 -0.80
C HIS B 149 -6.93 14.02 0.05
N ILE B 150 -7.31 15.30 0.10
CA ILE B 150 -8.47 15.62 0.97
C ILE B 150 -9.75 15.05 0.40
N TRP B 151 -9.87 14.96 -0.93
CA TRP B 151 -11.03 14.30 -1.56
C TRP B 151 -10.97 12.79 -1.33
N ASP B 152 -9.78 12.19 -1.42
CA ASP B 152 -9.68 10.75 -1.20
C ASP B 152 -9.99 10.35 0.23
N THR B 153 -9.49 11.14 1.17
CA THR B 153 -9.25 10.67 2.53
C THR B 153 -9.72 11.66 3.60
N ASN B 154 -9.15 12.87 3.64
CA ASN B 154 -9.42 13.69 4.84
C ASN B 154 -10.93 13.99 4.97
N MET B 155 -11.57 14.39 3.87
CA MET B 155 -12.98 14.82 3.98
C MET B 155 -13.89 13.63 4.18
N PRO B 156 -13.82 12.53 3.40
CA PRO B 156 -14.73 11.42 3.68
C PRO B 156 -14.54 10.84 5.09
N GLU B 157 -13.31 10.76 5.59
CA GLU B 157 -13.10 10.25 6.95
C GLU B 157 -13.69 11.19 7.99
N GLU B 158 -13.58 12.49 7.79
CA GLU B 158 -14.24 13.44 8.72
C GLU B 158 -15.75 13.17 8.71
N ALA B 159 -16.34 13.09 7.54
CA ALA B 159 -17.78 12.90 7.43
C ALA B 159 -18.22 11.59 8.06
N ALA B 160 -17.48 10.52 7.82
CA ALA B 160 -17.87 9.19 8.32
C ALA B 160 -17.57 9.02 9.80
N GLY B 161 -16.68 9.84 10.35
CA GLY B 161 -16.25 9.72 11.74
C GLY B 161 -15.20 8.66 11.94
N GLY B 162 -14.36 8.41 10.94
CA GLY B 162 -13.26 7.46 11.11
C GLY B 162 -12.85 6.85 9.80
N TYR B 163 -12.13 5.75 9.90
CA TYR B 163 -11.41 5.22 8.72
C TYR B 163 -11.54 3.71 8.55
N SER B 164 -12.08 2.99 9.54
CA SER B 164 -12.10 1.52 9.63
C SER B 164 -13.22 0.91 8.78
N LEU B 165 -13.14 -0.39 8.62
CA LEU B 165 -14.18 -1.16 7.94
C LEU B 165 -15.53 -1.00 8.65
N SER B 166 -15.56 -1.04 9.97
CA SER B 166 -16.86 -0.88 10.67
CA SER B 166 -16.82 -0.85 10.75
C SER B 166 -17.43 0.53 10.49
N VAL B 167 -16.58 1.55 10.47
CA VAL B 167 -17.03 2.94 10.20
C VAL B 167 -17.57 3.00 8.77
N ALA B 168 -16.88 2.34 7.82
CA ALA B 168 -17.39 2.29 6.43
C ALA B 168 -18.75 1.62 6.34
N LYS B 169 -18.94 0.56 7.09
CA LYS B 169 -20.24 -0.15 7.07
C LYS B 169 -21.34 0.80 7.55
N THR B 170 -21.10 1.50 8.65
CA THR B 170 -22.10 2.44 9.17
C THR B 170 -22.36 3.57 8.15
N TYR B 171 -21.31 4.08 7.54
CA TYR B 171 -21.44 5.16 6.54
C TYR B 171 -22.26 4.68 5.34
N ALA B 172 -21.97 3.47 4.88
CA ALA B 172 -22.72 2.87 3.77
C ALA B 172 -24.19 2.73 4.17
N ASP B 173 -24.47 2.31 5.41
CA ASP B 173 -25.88 2.22 5.83
C ASP B 173 -26.57 3.59 5.70
N LEU B 174 -25.87 4.65 6.12
CA LEU B 174 -26.45 5.99 6.05
C LEU B 174 -26.76 6.34 4.61
N LEU B 175 -25.81 6.14 3.70
CA LEU B 175 -26.01 6.52 2.29
C LEU B 175 -27.04 5.60 1.60
N THR B 176 -27.07 4.33 1.95
CA THR B 176 -28.07 3.40 1.40
C THR B 176 -29.47 3.89 1.78
N GLU B 177 -29.68 4.35 3.00
CA GLU B 177 -31.02 4.91 3.36
C GLU B 177 -31.36 6.11 2.48
N ARG B 178 -30.39 6.96 2.20
CA ARG B 178 -30.68 8.13 1.35
C ARG B 178 -31.16 7.65 -0.02
N ILE B 179 -30.58 6.57 -0.55
CA ILE B 179 -31.02 6.01 -1.86
C ILE B 179 -32.41 5.41 -1.74
N LYS B 180 -32.64 4.59 -0.75
CA LYS B 180 -33.91 3.82 -0.69
CA LYS B 180 -33.91 3.82 -0.73
C LYS B 180 -35.10 4.72 -0.39
N THR B 181 -34.98 5.56 0.62
CA THR B 181 -36.14 6.32 1.13
C THR B 181 -35.86 7.82 1.28
N GLY B 182 -34.61 8.23 1.33
CA GLY B 182 -34.26 9.60 1.75
C GLY B 182 -33.93 10.51 0.58
N THR B 183 -32.94 11.34 0.77
CA THR B 183 -32.74 12.51 -0.10
CA THR B 183 -32.60 12.52 -0.08
C THR B 183 -32.32 12.12 -1.52
N TYR B 184 -31.88 10.89 -1.80
CA TYR B 184 -31.54 10.48 -3.17
C TYR B 184 -32.64 9.63 -3.78
N SER B 185 -33.75 9.43 -3.10
CA SER B 185 -34.67 8.33 -3.50
C SER B 185 -35.38 8.63 -4.82
N SER B 186 -35.57 9.88 -5.23
CA SER B 186 -36.07 10.18 -6.60
CA SER B 186 -36.07 10.19 -6.60
C SER B 186 -34.89 10.24 -7.58
N LYS B 187 -33.79 10.86 -7.20
CA LYS B 187 -32.62 11.04 -8.10
C LYS B 187 -32.20 9.65 -8.62
N LYS B 188 -32.22 8.66 -7.74
CA LYS B 188 -31.53 7.39 -8.00
C LYS B 188 -32.19 6.63 -9.14
N ASP B 189 -33.46 6.92 -9.42
CA ASP B 189 -34.20 6.27 -10.51
C ASP B 189 -33.56 6.53 -11.87
N SER B 190 -32.65 7.50 -11.98
CA SER B 190 -31.96 7.83 -13.26
CA SER B 190 -31.96 7.88 -13.24
C SER B 190 -30.47 7.54 -13.17
N TRP B 191 -29.98 7.02 -12.07
CA TRP B 191 -28.53 6.85 -11.91
C TRP B 191 -27.96 5.72 -12.77
N THR B 192 -28.78 4.87 -13.37
CA THR B 192 -28.23 3.86 -14.28
C THR B 192 -28.65 4.13 -15.72
N ASP B 193 -29.10 5.32 -16.03
CA ASP B 193 -29.41 5.66 -17.44
C ASP B 193 -28.15 5.44 -18.28
N GLY B 194 -28.32 4.84 -19.44
CA GLY B 194 -27.24 4.57 -20.40
C GLY B 194 -26.45 3.31 -20.08
N ILE B 195 -26.70 2.60 -18.97
CA ILE B 195 -25.88 1.42 -18.65
C ILE B 195 -26.03 0.39 -19.77
N ASP B 196 -24.94 -0.21 -20.18
CA ASP B 196 -24.96 -1.18 -21.30
C ASP B 196 -23.80 -2.16 -21.09
N ILE B 197 -24.12 -3.40 -20.71
CA ILE B 197 -23.07 -4.42 -20.47
C ILE B 197 -22.28 -4.69 -21.75
N LYS B 198 -22.87 -4.42 -22.91
CA LYS B 198 -22.19 -4.68 -24.19
C LYS B 198 -21.24 -3.54 -24.53
N ASP B 199 -21.25 -2.46 -23.76
CA ASP B 199 -20.37 -1.30 -24.07
C ASP B 199 -19.82 -0.77 -22.75
N PRO B 200 -18.85 -1.46 -22.15
CA PRO B 200 -18.23 -1.00 -20.92
C PRO B 200 -17.59 0.37 -21.02
N VAL B 201 -17.00 0.70 -22.17
CA VAL B 201 -16.36 2.03 -22.33
C VAL B 201 -17.45 3.09 -22.27
N SER B 202 -18.52 2.97 -23.04
CA SER B 202 -19.60 3.97 -23.04
CA SER B 202 -19.57 4.01 -23.04
C SER B 202 -20.19 4.12 -21.64
N THR B 203 -20.44 3.00 -21.00
CA THR B 203 -21.08 3.02 -19.67
C THR B 203 -20.22 3.75 -18.66
N SER B 204 -18.97 3.32 -18.56
CA SER B 204 -18.07 3.90 -17.55
CA SER B 204 -17.97 3.87 -17.61
C SER B 204 -17.73 5.35 -17.90
N MET B 205 -17.71 5.72 -19.17
CA MET B 205 -17.51 7.11 -19.55
C MET B 205 -18.69 7.98 -19.11
N ILE B 206 -19.90 7.47 -19.10
CA ILE B 206 -21.05 8.25 -18.58
C ILE B 206 -20.76 8.59 -17.13
N TRP B 207 -20.33 7.61 -16.37
CA TRP B 207 -20.03 7.77 -14.92
CA TRP B 207 -20.11 7.83 -14.92
C TRP B 207 -18.88 8.74 -14.71
N ALA B 208 -17.81 8.57 -15.49
CA ALA B 208 -16.64 9.45 -15.36
C ALA B 208 -17.02 10.89 -15.70
N ALA B 209 -17.81 11.07 -16.76
CA ALA B 209 -18.22 12.42 -17.17
C ALA B 209 -19.08 13.06 -16.07
N ASP B 210 -19.96 12.27 -15.47
CA ASP B 210 -20.81 12.76 -14.37
C ASP B 210 -19.92 13.26 -13.23
N ALA B 211 -19.03 12.41 -12.76
CA ALA B 211 -18.15 12.80 -11.65
C ALA B 211 -17.30 14.02 -12.04
N ASN B 212 -16.82 14.07 -13.27
CA ASN B 212 -15.96 15.16 -13.74
C ASN B 212 -16.70 16.49 -13.72
N THR B 213 -18.01 16.51 -13.88
CA THR B 213 -18.73 17.79 -13.83
C THR B 213 -18.45 18.48 -12.48
N TYR B 214 -18.26 17.71 -11.42
CA TYR B 214 -18.08 18.28 -10.07
C TYR B 214 -16.69 18.87 -9.92
N VAL B 215 -15.74 18.59 -10.81
CA VAL B 215 -14.43 19.27 -10.75
C VAL B 215 -14.70 20.75 -10.94
N CYS B 216 -15.56 21.10 -11.90
CA CYS B 216 -15.87 22.52 -12.18
C CYS B 216 -16.85 23.08 -11.14
N SER B 217 -17.87 22.32 -10.75
CA SER B 217 -18.95 22.90 -9.91
C SER B 217 -18.52 23.02 -8.45
N THR B 218 -17.60 22.18 -8.00
CA THR B 218 -17.37 21.93 -6.56
C THR B 218 -15.89 21.89 -6.20
N VAL B 219 -15.10 21.09 -6.91
CA VAL B 219 -13.70 20.88 -6.47
C VAL B 219 -12.90 22.18 -6.61
N LEU B 220 -13.06 22.83 -7.77
CA LEU B 220 -12.23 23.99 -8.12
C LEU B 220 -13.05 25.28 -8.32
N ASP B 221 -14.34 25.25 -8.04
CA ASP B 221 -15.16 26.46 -8.35
CA ASP B 221 -15.28 26.40 -8.20
C ASP B 221 -14.75 27.66 -7.49
N ASP B 222 -14.20 27.49 -6.30
CA ASP B 222 -13.78 28.64 -5.47
CA ASP B 222 -13.74 28.62 -5.46
C ASP B 222 -12.59 29.36 -6.11
N GLY B 223 -11.91 28.70 -7.04
CA GLY B 223 -10.70 29.24 -7.66
C GLY B 223 -9.45 28.96 -6.84
N LEU B 224 -8.32 28.93 -7.51
CA LEU B 224 -7.07 28.49 -6.87
C LEU B 224 -6.53 29.54 -5.91
N ALA B 225 -6.86 30.82 -6.03
CA ALA B 225 -6.38 31.78 -5.01
C ALA B 225 -6.92 31.35 -3.64
N TYR B 226 -8.19 31.07 -3.61
CA TYR B 226 -8.85 30.64 -2.36
C TYR B 226 -8.29 29.27 -1.92
N ILE B 227 -8.27 28.33 -2.83
CA ILE B 227 -7.91 26.94 -2.51
C ILE B 227 -6.48 26.87 -1.97
N ASN B 228 -5.58 27.69 -2.52
CA ASN B 228 -4.18 27.63 -2.11
C ASN B 228 -3.96 28.28 -0.74
N SER B 229 -4.84 29.17 -0.32
CA SER B 229 -4.56 30.04 0.85
C SER B 229 -5.49 29.81 2.02
N THR B 230 -6.47 28.95 1.90
CA THR B 230 -7.51 28.81 2.91
C THR B 230 -7.53 27.39 3.45
N ASP B 231 -7.70 27.24 4.75
CA ASP B 231 -7.85 25.90 5.34
C ASP B 231 -9.17 25.33 4.85
N LEU B 232 -9.10 24.20 4.17
CA LEU B 232 -10.27 23.65 3.45
C LEU B 232 -11.18 22.79 4.33
N SER B 233 -10.91 22.74 5.64
CA SER B 233 -11.76 22.01 6.58
C SER B 233 -12.98 22.80 7.03
N GLY B 234 -13.06 24.08 6.66
CA GLY B 234 -14.19 24.95 7.00
C GLY B 234 -15.27 24.92 5.94
N GLU B 235 -15.47 26.07 5.31
CA GLU B 235 -16.56 26.21 4.31
CA GLU B 235 -16.54 26.23 4.30
C GLU B 235 -16.34 25.25 3.15
N TYR B 236 -15.11 24.95 2.78
CA TYR B 236 -14.88 24.10 1.60
C TYR B 236 -15.38 22.69 1.88
N TYR B 237 -15.07 22.14 3.04
CA TYR B 237 -15.62 20.84 3.48
C TYR B 237 -17.16 20.90 3.47
N ASP B 238 -17.72 21.98 4.02
CA ASP B 238 -19.19 22.05 4.15
C ASP B 238 -19.83 21.90 2.77
N LYS B 239 -19.28 22.58 1.76
CA LYS B 239 -19.91 22.47 0.42
C LYS B 239 -19.48 21.19 -0.30
N SER B 240 -18.35 20.59 0.06
CA SER B 240 -17.91 19.37 -0.63
C SER B 240 -18.70 18.15 -0.14
N GLN B 241 -19.03 18.11 1.14
CA GLN B 241 -19.62 16.92 1.74
C GLN B 241 -20.83 16.40 0.99
N PRO B 242 -21.83 17.23 0.64
CA PRO B 242 -22.97 16.66 -0.07
C PRO B 242 -22.55 16.03 -1.41
N VAL B 243 -21.54 16.59 -2.04
CA VAL B 243 -21.10 16.11 -3.35
C VAL B 243 -20.36 14.79 -3.23
N PHE B 244 -19.37 14.67 -2.36
CA PHE B 244 -18.70 13.35 -2.28
C PHE B 244 -19.65 12.30 -1.71
N GLU B 245 -20.59 12.68 -0.84
CA GLU B 245 -21.53 11.66 -0.33
C GLU B 245 -22.44 11.16 -1.45
N GLU B 246 -22.96 12.04 -2.28
CA GLU B 246 -23.83 11.56 -3.37
C GLU B 246 -23.01 10.75 -4.37
N LEU B 247 -21.76 11.13 -4.63
CA LEU B 247 -20.93 10.37 -5.58
C LEU B 247 -20.57 8.99 -5.04
N ILE B 248 -20.30 8.85 -3.75
CA ILE B 248 -20.06 7.53 -3.14
C ILE B 248 -21.33 6.69 -3.26
N ALA B 249 -22.48 7.28 -2.99
CA ALA B 249 -23.77 6.59 -3.13
C ALA B 249 -23.97 6.12 -4.57
N LYS B 250 -23.74 7.01 -5.52
CA LYS B 250 -23.87 6.65 -6.94
C LYS B 250 -22.92 5.50 -7.29
N ALA B 251 -21.69 5.58 -6.81
CA ALA B 251 -20.70 4.55 -7.12
C ALA B 251 -21.20 3.19 -6.64
N GLY B 252 -21.73 3.13 -5.44
CA GLY B 252 -22.21 1.84 -4.93
C GLY B 252 -23.42 1.34 -5.69
N TYR B 253 -24.34 2.24 -6.01
CA TYR B 253 -25.57 1.88 -6.74
C TYR B 253 -25.22 1.40 -8.15
N ARG B 254 -24.31 2.10 -8.81
CA ARG B 254 -23.88 1.77 -10.18
C ARG B 254 -23.04 0.49 -10.17
N LEU B 255 -22.16 0.33 -9.20
CA LEU B 255 -21.40 -0.94 -9.07
C LEU B 255 -22.38 -2.10 -8.95
N ALA B 256 -23.41 -1.97 -8.11
CA ALA B 256 -24.38 -3.06 -7.97
C ALA B 256 -25.06 -3.37 -9.29
N ALA B 257 -25.49 -2.36 -10.01
CA ALA B 257 -26.19 -2.55 -11.31
C ALA B 257 -25.24 -3.27 -12.27
N TRP B 258 -23.97 -2.87 -12.28
CA TRP B 258 -22.97 -3.46 -13.19
C TRP B 258 -22.72 -4.91 -12.83
N LEU B 259 -22.54 -5.19 -11.54
CA LEU B 259 -22.32 -6.57 -11.09
C LEU B 259 -23.56 -7.42 -11.45
N ASP B 260 -24.77 -6.89 -11.31
CA ASP B 260 -25.96 -7.65 -11.68
C ASP B 260 -25.90 -8.04 -13.17
N LEU B 261 -25.49 -7.12 -14.02
CA LEU B 261 -25.40 -7.44 -15.46
C LEU B 261 -24.31 -8.47 -15.71
N ILE B 262 -23.16 -8.34 -15.05
CA ILE B 262 -22.07 -9.32 -15.22
C ILE B 262 -22.59 -10.71 -14.83
N ALA B 263 -23.24 -10.82 -13.69
CA ALA B 263 -23.64 -12.12 -13.14
C ALA B 263 -24.76 -12.74 -13.96
N SER B 264 -25.53 -11.96 -14.69
CA SER B 264 -26.70 -12.50 -15.40
C SER B 264 -26.34 -12.70 -16.89
ZN ZN C . 16.89 -8.13 11.26
ZN ZN D . 15.85 -6.65 14.12
ZN ZN E . 14.55 -12.01 12.30
C1 NAG F . 9.22 6.07 21.63
C2 NAG F . 8.36 5.14 22.49
C3 NAG F . 8.71 5.30 23.95
C4 NAG F . 10.21 5.13 24.12
C5 NAG F . 10.99 6.10 23.25
C6 NAG F . 12.52 5.90 23.39
C6 NAG F . 12.52 6.01 23.34
C7 NAG F . 6.15 4.61 21.49
C8 NAG F . 4.75 5.11 21.33
N2 NAG F . 6.94 5.39 22.25
O3 NAG F . 8.02 4.34 24.79
O4 NAG F . 10.45 5.48 25.47
O5 NAG F . 10.60 5.86 21.91
O6 NAG F . 13.08 4.60 23.01
O6 NAG F . 13.17 7.16 22.75
O7 NAG F . 6.54 3.56 20.95
C1 NAG G . 4.89 -28.54 8.86
C1 NAG G . 5.40 -28.65 9.63
C2 NAG G . 3.53 -29.20 9.02
C2 NAG G . 4.08 -29.41 9.79
C3 NAG G . 2.58 -28.32 9.79
C3 NAG G . 3.03 -28.41 10.25
C4 NAG G . 3.23 -27.95 11.11
C4 NAG G . 3.52 -27.69 11.52
C5 NAG G . 4.62 -27.36 10.87
C5 NAG G . 4.93 -27.10 11.31
C6 NAG G . 5.27 -26.97 12.18
C6 NAG G . 5.45 -26.47 12.61
C7 NAG G . 3.10 -30.69 7.10
C7 NAG G . 4.07 -31.37 8.29
C8 NAG G . 2.22 -30.94 5.93
C8 NAG G . 3.34 -32.01 7.15
N2 NAG G . 2.91 -29.53 7.74
N2 NAG G . 3.69 -30.13 8.57
O3 NAG G . 1.37 -29.00 10.04
O3 NAG G . 1.79 -29.05 10.48
O4 NAG G . 2.39 -27.04 11.79
O4 NAG G . 2.64 -26.65 11.87
O5 NAG G . 5.42 -28.29 10.16
O5 NAG G . 5.81 -28.11 10.88
O6 NAG G . 5.66 -28.10 12.94
O6 NAG G . 5.70 -27.51 13.54
O7 NAG G . 3.94 -31.53 7.46
O7 NAG G . 4.90 -31.99 8.93
P PO4 H . 16.30 -9.67 13.78
O1 PO4 H . 17.65 -10.07 14.33
O2 PO4 H . 15.34 -9.60 14.90
O3 PO4 H . 16.47 -8.25 13.17
O4 PO4 H . 16.02 -10.70 12.73
O3P C5P I . 11.95 -13.94 20.06
P C5P I . 12.81 -14.88 19.18
O1P C5P I . 12.25 -16.27 19.09
O2P C5P I . 14.22 -14.92 19.65
O5' C5P I . 12.93 -14.15 17.84
C5' C5P I . 13.75 -14.66 16.75
C4' C5P I . 13.49 -13.79 15.56
O4' C5P I . 12.12 -13.83 15.13
C3' C5P I . 13.81 -12.32 15.72
O3' C5P I . 14.29 -11.96 14.45
C2' C5P I . 12.45 -11.68 16.04
O2' C5P I . 12.38 -10.31 15.70
C1' C5P I . 11.58 -12.51 15.11
N1 C5P I . 10.20 -12.60 15.51
C2 C5P I . 9.19 -12.22 14.63
N3 C5P I . 7.90 -12.38 15.04
C4 C5P I . 7.62 -12.89 16.25
C5 C5P I . 8.64 -13.31 17.12
C6 C5P I . 9.91 -13.16 16.73
O2 C5P I . 9.50 -11.81 13.48
N4 C5P I . 6.35 -13.01 16.61
C1 BTB J . 27.09 -17.49 10.81
O1 BTB J . 25.97 -17.80 10.01
C2 BTB J . 26.64 -16.91 12.17
C3 BTB J . 25.65 -17.89 12.80
O3 BTB J . 26.34 -19.05 13.24
C4 BTB J . 25.93 -15.58 11.88
O4 BTB J . 26.75 -14.69 11.15
N BTB J . 27.86 -16.85 13.11
C5 BTB J . 29.08 -16.19 12.56
C6 BTB J . 30.07 -17.17 11.99
O6 BTB J . 30.29 -18.20 12.91
C7 BTB J . 27.55 -16.26 14.44
C8 BTB J . 28.44 -16.80 15.51
O8 BTB J . 28.42 -18.19 15.51
C1 BTB K . 21.81 8.42 -5.90
O1 BTB K . 20.67 8.84 -5.17
C2 BTB K . 22.71 9.62 -6.21
C3 BTB K . 23.48 9.97 -4.93
O3 BTB K . 24.23 11.17 -5.09
C4 BTB K . 23.67 9.27 -7.35
O4 BTB K . 24.39 8.08 -7.08
N BTB K . 21.78 10.75 -6.63
C5 BTB K . 22.41 11.76 -7.53
C6 BTB K . 21.72 11.81 -8.87
O6 BTB K . 22.02 12.99 -9.58
C7 BTB K . 20.95 11.35 -5.54
C8 BTB K . 19.78 12.12 -6.12
O8 BTB K . 18.95 11.28 -6.90
CA CA L . 2.36 -13.06 17.31
CA CA M . 19.46 9.88 -3.81
ZN ZN N . -9.57 5.29 -4.53
ZN ZN O . -7.64 3.41 -6.56
ZN ZN P . -6.88 9.02 -5.25
C1 NAG Q . -6.23 -6.91 -18.98
C2 NAG Q . -5.02 -6.14 -19.52
C3 NAG Q . -3.77 -7.00 -19.55
C4 NAG Q . -3.52 -7.55 -18.16
C5 NAG Q . -4.74 -8.31 -17.66
C6 NAG Q . -4.58 -8.86 -16.22
C7 NAG Q . -5.52 -4.30 -21.06
C8 NAG Q . -5.72 -3.86 -22.50
N2 NAG Q . -5.30 -5.61 -20.85
O3 NAG Q . -2.63 -6.24 -19.97
O4 NAG Q . -2.48 -8.50 -18.30
O5 NAG Q . -5.87 -7.44 -17.71
O6 NAG Q . -4.36 -7.91 -15.15
O7 NAG Q . -5.58 -3.50 -20.14
C1 NAG R . -2.29 27.73 -6.67
C2 NAG R . -1.83 28.82 -7.63
C3 NAG R . -1.54 28.19 -9.00
C4 NAG R . -0.59 27.03 -8.86
C5 NAG R . -1.08 26.07 -7.81
C6 NAG R . -0.12 24.92 -7.64
C7 NAG R . -2.92 30.96 -7.16
C8 NAG R . -3.88 32.00 -7.70
N2 NAG R . -2.83 29.87 -7.87
O3 NAG R . -0.98 29.16 -9.83
O4 NAG R . -0.44 26.37 -10.11
O5 NAG R . -1.25 26.75 -6.56
O6 NAG R . 1.10 25.20 -7.08
O7 NAG R . -2.22 31.09 -6.15
P PO4 S . -6.62 5.76 -4.85
O1 PO4 S . -5.97 5.27 -3.55
O2 PO4 S . -5.67 5.67 -5.99
O3 PO4 S . -7.81 4.82 -5.17
O4 PO4 S . -7.17 7.12 -4.54
O3P C5P T . 1.23 10.41 -6.85
P C5P T . 0.57 8.98 -6.82
O1P C5P T . 0.94 8.16 -7.98
O2P C5P T . 1.15 8.59 -5.43
O5' C5P T . -0.97 9.25 -6.83
C5' C5P T . -1.73 9.76 -5.72
C4' C5P T . -3.19 9.66 -6.10
O4' C5P T . -3.53 10.47 -7.23
C3' C5P T . -3.67 8.26 -6.41
O3' C5P T . -4.99 8.18 -5.92
C2' C5P T . -3.65 8.23 -7.93
O2' C5P T . -4.50 7.22 -8.46
C1' C5P T . -4.09 9.65 -8.25
N1 C5P T . -3.62 10.16 -9.53
C2 C5P T . -4.49 10.74 -10.49
N3 C5P T . -3.96 11.22 -11.63
C4 C5P T . -2.65 11.20 -11.85
C5 C5P T . -1.76 10.69 -10.88
C6 C5P T . -2.29 10.18 -9.74
O2 C5P T . -5.68 10.85 -10.26
N4 C5P T . -2.20 11.69 -12.99
C1 BTB U . -6.08 8.52 8.48
C1 BTB U . -6.05 8.71 8.94
O1 BTB U . -6.62 9.61 7.74
O1 BTB U . -7.20 7.96 9.24
C2 BTB U . -5.09 7.71 7.63
C2 BTB U . -5.10 7.94 8.01
C3 BTB U . -4.04 8.66 7.03
C3 BTB U . -4.17 8.91 7.26
O3 BTB U . -3.23 9.19 8.06
O3 BTB U . -4.33 8.78 5.86
C4 BTB U . -5.85 7.03 6.49
C4 BTB U . -5.95 7.15 6.99
O4 BTB U . -6.99 6.32 6.95
O4 BTB U . -6.95 6.39 7.65
N BTB U . -4.35 6.73 8.56
N BTB U . -4.30 6.96 8.82
C5 BTB U . -3.40 5.83 7.84
C5 BTB U . -3.38 6.15 7.97
C6 BTB U . -2.22 5.46 8.70
C6 BTB U . -2.06 5.86 8.65
O6 BTB U . -1.59 6.60 9.21
O6 BTB U . -1.71 6.90 9.54
C7 BTB U . -5.23 5.92 9.50
C7 BTB U . -5.19 6.08 9.66
C8 BTB U . -5.27 6.47 10.90
C8 BTB U . -4.87 6.19 11.12
O8 BTB U . -4.00 6.95 11.32
O8 BTB U . -3.47 6.29 11.33
C1 BTB V . -14.61 -20.00 -8.77
O1 BTB V . -14.39 -20.18 -10.16
C2 BTB V . -14.15 -21.22 -7.97
C3 BTB V . -15.16 -22.34 -8.26
O3 BTB V . -15.12 -22.78 -9.60
C4 BTB V . -14.20 -20.87 -6.47
O4 BTB V . -14.15 -22.04 -5.67
N BTB V . -12.73 -21.63 -8.42
C5 BTB V . -12.22 -22.91 -7.83
C6 BTB V . -12.41 -24.12 -8.71
O6 BTB V . -12.17 -23.84 -10.07
C7 BTB V . -11.71 -20.54 -8.22
C8 BTB V . -10.62 -20.54 -9.25
O8 BTB V . -11.14 -20.79 -10.55
CA CA W . -13.14 -22.04 -11.05
CA CA X . -1.67 13.28 -16.66
CA CA Y . -31.06 -4.22 -6.98
#